data_8D3I
#
_entry.id   8D3I
#
_cell.length_a   91.062
_cell.length_b   114.973
_cell.length_c   122.032
_cell.angle_alpha   90.000
_cell.angle_beta   90.000
_cell.angle_gamma   90.000
#
_symmetry.space_group_name_H-M   'P 21 21 21'
#
loop_
_entity.id
_entity.type
_entity.pdbx_description
1 polymer 'Apoptosis-inducing factor 1, mitochondrial'
2 polymer 'Apoptosis-inducing factor 1, mitochondrial'
3 non-polymer quinolin-4-amine
4 non-polymer 1,2-ETHANEDIOL
5 non-polymer 'FLAVIN-ADENINE DINUCLEOTIDE'
6 non-polymer 'SULFATE ION'
7 water water
#
loop_
_entity_poly.entity_id
_entity_poly.type
_entity_poly.pdbx_seq_one_letter_code
_entity_poly.pdbx_strand_id
1 'polypeptide(L)'
;MVGAGAYAYKTMKEDEKRYNERISGLGLTPEQKQKKAALSASEGEEVPQDKAPSHVPFLLIGGGTAAFAAARSIRARDPG
ARVLIVSEDPELPYMRPPLSKELWFSDDPNVTKTLRFKQANGKERSIYFQPPSFYVSAQDLPHIENGGVAVLTGKKVVQL
DVRDNMVKLNDGSQITYEKCLIATGGTPRSLSAIDRAGAEVKSRTTLFRKIGDFRSLEKISREVKSITIIGGGFLGSELA
CALGRKARALGTEVIQLFPEKGNMGKILPEYLSNWTMEKVRREGVKVMPNAIVQSVGVSSGKLLIKLKDGRKVETDHIVA
AVGLEPNVELAKTGGLEIDSDFGGFRVNAELQARSNIWVAGDAACFYDIKLGRRRVEHHDHAVVSGRLAGENMTGAAKPY
WHQSMFWSDLGPDVGYEAIGLVDSSLPTVGVFAKATAQDNPKSATEQSGTGIRSESETESEASEITIPPSTPAVPQAPVQ
GEDYGKGVIFYLRDKVVVGIVLWNIFNRMPIARKIIKDGEQHEDLNEVAKLFNIHEDLEVLFQ
;
A
2 'polypeptide(L)'
;MVGAGAYAYKTMKEDEKRYNERISGLGLTPEQKQKKAALSASEGEEVPQDKAPSHVPFLLIGGGTAAFAAARSIRARDPG
ARVLIVSEDPELPYMRPPLSKELWFSDDPNVTKTLRFKQANGKERSIYFQPPSFYVSAQDLPHIENGGVAVLTGKKVVQL
DVRDNMVKLNDGSQITYEK(CSX)LIATGGTPRSLSAIDRAGAEVKSRTTLFRKIGDFRSLEKISREVKSITIIGGGFLG
SELACALGRKARALGTEVIQLFPEKGNMGKILPEYLSNWTMEKVRREGVKVMPNAIVQSVGVSSGKLLIKLKDGRKVETD
HIVAAVGLEPNVELAKTGGLEIDSDFGGFRVNAELQARSNIWVAGDAACFYDIKLGRRRVEHHDHAVVSGRLAGENMTGA
AKPYWHQSMFWSDLGPDVGYEAIGLVDSSLPTVGVFAKATAQDNPKSATEQSGTGIRSESETESEASEITIPPSTPAVPQ
APVQGEDYGKGVIFYLRDKVVVGIVLWNIFNRMPIARKIIKDGEQHEDLNEVAKLFNIHEDLEVLFQ
;
B
#
loop_
_chem_comp.id
_chem_comp.type
_chem_comp.name
_chem_comp.formula
1LM non-polymer quinolin-4-amine 'C9 H8 N2'
EDO non-polymer 1,2-ETHANEDIOL 'C2 H6 O2'
FAD non-polymer 'FLAVIN-ADENINE DINUCLEOTIDE' 'C27 H33 N9 O15 P2'
SO4 non-polymer 'SULFATE ION' 'O4 S -2'
#
# COMPACT_ATOMS: atom_id res chain seq x y z
N LYS A 51 -12.58 -28.85 21.57
CA LYS A 51 -11.65 -27.96 22.23
C LYS A 51 -11.90 -26.51 21.81
N ALA A 52 -11.76 -26.23 20.52
CA ALA A 52 -11.95 -24.89 20.02
C ALA A 52 -13.43 -24.58 19.86
N PRO A 53 -13.90 -23.42 20.32
CA PRO A 53 -15.31 -23.07 20.09
C PRO A 53 -15.58 -22.73 18.64
N SER A 54 -16.86 -22.80 18.27
CA SER A 54 -17.24 -22.54 16.88
C SER A 54 -17.24 -21.05 16.56
N HIS A 55 -17.43 -20.20 17.56
CA HIS A 55 -17.40 -18.76 17.36
C HIS A 55 -16.73 -18.09 18.55
N VAL A 56 -15.94 -17.06 18.25
CA VAL A 56 -15.27 -16.27 19.28
C VAL A 56 -15.33 -14.81 18.85
N PRO A 57 -15.59 -13.87 19.76
CA PRO A 57 -15.60 -12.45 19.34
C PRO A 57 -14.27 -12.00 18.76
N PHE A 58 -13.16 -12.21 19.48
CA PHE A 58 -11.83 -11.80 19.05
C PHE A 58 -10.98 -13.04 18.78
N LEU A 59 -10.43 -13.12 17.57
CA LEU A 59 -9.59 -14.24 17.16
C LEU A 59 -8.21 -13.71 16.78
N LEU A 60 -7.19 -14.07 17.55
CA LEU A 60 -5.81 -13.70 17.28
C LEU A 60 -5.08 -14.90 16.69
N ILE A 61 -4.57 -14.74 15.47
CA ILE A 61 -3.88 -15.83 14.77
C ILE A 61 -2.40 -15.73 15.09
N GLY A 62 -1.87 -16.73 15.79
CA GLY A 62 -0.49 -16.73 16.22
C GLY A 62 -0.38 -16.40 17.69
N GLY A 63 0.51 -17.10 18.40
CA GLY A 63 0.62 -16.94 19.84
C GLY A 63 1.94 -16.34 20.28
N GLY A 64 2.32 -15.23 19.67
CA GLY A 64 3.58 -14.59 19.99
C GLY A 64 3.42 -13.28 20.75
N THR A 65 4.38 -12.38 20.57
CA THR A 65 4.39 -11.14 21.35
C THR A 65 3.26 -10.21 20.92
N ALA A 66 3.08 -10.03 19.61
CA ALA A 66 2.03 -9.15 19.13
C ALA A 66 0.65 -9.66 19.53
N ALA A 67 0.45 -10.98 19.45
CA ALA A 67 -0.85 -11.55 19.82
C ALA A 67 -1.14 -11.33 21.29
N PHE A 68 -0.15 -11.57 22.17
CA PHE A 68 -0.39 -11.38 23.59
C PHE A 68 -0.64 -9.92 23.94
N ALA A 69 0.15 -9.00 23.36
CA ALA A 69 -0.06 -7.59 23.62
C ALA A 69 -1.45 -7.15 23.20
N ALA A 70 -1.97 -7.73 22.10
CA ALA A 70 -3.31 -7.38 21.66
C ALA A 70 -4.37 -7.93 22.61
N ALA A 71 -4.19 -9.17 23.08
CA ALA A 71 -5.15 -9.75 24.01
C ALA A 71 -5.23 -8.93 25.29
N ARG A 72 -4.09 -8.55 25.85
CA ARG A 72 -4.09 -7.70 27.03
C ARG A 72 -4.74 -6.36 26.73
N SER A 73 -4.54 -5.85 25.51
CA SER A 73 -5.13 -4.57 25.13
C SER A 73 -6.63 -4.69 24.94
N ILE A 74 -7.08 -5.77 24.30
CA ILE A 74 -8.52 -5.99 24.11
C ILE A 74 -9.22 -6.13 25.45
N ARG A 75 -8.63 -6.92 26.35
CA ARG A 75 -9.25 -7.13 27.66
C ARG A 75 -9.25 -5.87 28.50
N ALA A 76 -8.27 -4.98 28.32
CA ALA A 76 -8.21 -3.77 29.13
C ALA A 76 -9.26 -2.76 28.68
N ARG A 77 -9.54 -2.69 27.39
CA ARG A 77 -10.52 -1.75 26.87
C ARG A 77 -11.92 -2.32 26.77
N ASP A 78 -12.06 -3.64 26.68
CA ASP A 78 -13.37 -4.29 26.55
C ASP A 78 -13.51 -5.29 27.70
N PRO A 79 -13.80 -4.81 28.91
CA PRO A 79 -13.92 -5.72 30.06
C PRO A 79 -14.91 -6.84 29.74
N GLY A 80 -14.51 -8.07 30.06
CA GLY A 80 -15.31 -9.22 29.75
C GLY A 80 -15.12 -9.78 28.36
N ALA A 81 -14.18 -9.25 27.60
CA ALA A 81 -13.99 -9.69 26.22
C ALA A 81 -13.55 -11.16 26.21
N ARG A 82 -13.85 -11.83 25.11
CA ARG A 82 -13.51 -13.24 24.92
C ARG A 82 -12.56 -13.35 23.75
N VAL A 83 -11.29 -13.66 24.04
CA VAL A 83 -10.21 -13.62 23.08
C VAL A 83 -9.63 -15.03 22.95
N LEU A 84 -9.58 -15.53 21.72
CA LEU A 84 -9.01 -16.84 21.43
C LEU A 84 -7.73 -16.65 20.62
N ILE A 85 -6.61 -17.06 21.19
CA ILE A 85 -5.34 -17.11 20.48
C ILE A 85 -5.15 -18.52 19.91
N VAL A 86 -4.76 -18.61 18.65
CA VAL A 86 -4.47 -19.88 18.00
C VAL A 86 -2.98 -19.90 17.68
N SER A 87 -2.26 -20.85 18.29
CA SER A 87 -0.81 -20.92 18.19
C SER A 87 -0.41 -22.30 17.72
N GLU A 88 0.31 -22.37 16.60
CA GLU A 88 0.84 -23.64 16.13
C GLU A 88 1.95 -24.16 17.03
N ASP A 89 2.63 -23.28 17.76
CA ASP A 89 3.63 -23.72 18.71
C ASP A 89 2.94 -24.35 19.93
N PRO A 90 3.61 -25.30 20.60
CA PRO A 90 3.01 -25.89 21.82
C PRO A 90 3.13 -25.02 23.05
N GLU A 91 3.91 -23.95 23.00
CA GLU A 91 4.16 -23.12 24.17
C GLU A 91 3.12 -22.00 24.26
N LEU A 92 2.87 -21.56 25.49
CA LEU A 92 2.09 -20.36 25.69
C LEU A 92 2.92 -19.14 25.33
N PRO A 93 2.28 -18.00 25.06
CA PRO A 93 3.03 -16.81 24.62
C PRO A 93 4.22 -16.49 25.50
N TYR A 94 5.41 -16.41 24.90
CA TYR A 94 6.62 -16.05 25.62
C TYR A 94 7.40 -15.04 24.79
N MET A 95 8.30 -14.33 25.47
CA MET A 95 9.15 -13.34 24.82
C MET A 95 10.44 -14.01 24.35
N ARG A 96 10.95 -13.54 23.20
CA ARG A 96 12.08 -14.14 22.52
C ARG A 96 13.44 -13.60 22.99
N PRO A 97 13.58 -12.31 23.28
CA PRO A 97 14.91 -11.73 23.50
C PRO A 97 15.76 -12.52 24.49
N PRO A 98 15.18 -13.01 25.59
CA PRO A 98 16.02 -13.78 26.53
C PRO A 98 16.64 -15.03 25.93
N LEU A 99 16.06 -15.57 24.85
CA LEU A 99 16.60 -16.80 24.27
C LEU A 99 18.01 -16.63 23.73
N SER A 100 18.42 -15.40 23.39
CA SER A 100 19.75 -15.15 22.88
C SER A 100 20.57 -14.27 23.82
N LYS A 101 20.08 -14.01 25.03
CA LYS A 101 20.79 -13.12 25.94
C LYS A 101 20.72 -13.60 27.39
N GLU A 102 19.70 -13.17 28.13
CA GLU A 102 19.72 -13.33 29.58
C GLU A 102 19.78 -14.80 29.99
N LEU A 103 19.14 -15.69 29.25
CA LEU A 103 19.12 -17.10 29.64
C LEU A 103 20.49 -17.75 29.53
N TRP A 104 21.42 -17.18 28.76
CA TRP A 104 22.77 -17.70 28.65
C TRP A 104 23.71 -17.13 29.70
N PHE A 105 23.33 -16.06 30.39
CA PHE A 105 24.15 -15.45 31.42
C PHE A 105 23.57 -15.68 32.82
N SER A 106 22.71 -16.69 32.97
CA SER A 106 22.06 -16.94 34.25
C SER A 106 22.98 -17.70 35.20
N ASP A 107 22.92 -17.34 36.48
CA ASP A 107 23.66 -18.06 37.50
C ASP A 107 23.02 -19.38 37.86
N ASP A 108 21.73 -19.56 37.54
CA ASP A 108 21.04 -20.80 37.83
C ASP A 108 21.42 -21.85 36.80
N PRO A 109 21.95 -23.01 37.22
CA PRO A 109 22.23 -24.07 36.24
C PRO A 109 20.97 -24.78 35.74
N ASN A 110 19.83 -24.58 36.40
CA ASN A 110 18.56 -25.13 35.94
C ASN A 110 17.82 -24.17 35.03
N VAL A 111 18.48 -23.11 34.55
CA VAL A 111 17.81 -22.11 33.73
C VAL A 111 17.20 -22.75 32.48
N THR A 112 17.84 -23.79 31.96
CA THR A 112 17.29 -24.47 30.79
C THR A 112 15.93 -25.07 31.07
N LYS A 113 15.67 -25.45 32.33
CA LYS A 113 14.38 -26.01 32.73
C LYS A 113 13.41 -24.96 33.24
N THR A 114 13.89 -24.00 34.05
CA THR A 114 13.01 -23.01 34.64
C THR A 114 12.62 -21.92 33.65
N LEU A 115 13.48 -21.60 32.68
CA LEU A 115 13.23 -20.53 31.71
C LEU A 115 12.95 -19.21 32.42
N ARG A 116 13.69 -18.94 33.50
CA ARG A 116 13.60 -17.70 34.24
C ARG A 116 14.94 -16.97 34.18
N PHE A 117 14.89 -15.65 34.37
CA PHE A 117 16.08 -14.83 34.25
C PHE A 117 15.91 -13.56 35.07
N LYS A 118 17.05 -12.99 35.47
CA LYS A 118 17.08 -11.72 36.17
C LYS A 118 17.12 -10.58 35.16
N GLN A 119 16.23 -9.60 35.34
CA GLN A 119 16.16 -8.47 34.43
C GLN A 119 17.24 -7.46 34.76
N ALA A 120 17.25 -6.34 34.03
CA ALA A 120 18.17 -5.26 34.34
C ALA A 120 17.90 -4.71 35.73
N ASN A 121 16.63 -4.56 36.09
CA ASN A 121 16.26 -4.11 37.43
C ASN A 121 16.63 -5.12 38.50
N GLY A 122 17.02 -6.34 38.13
CA GLY A 122 17.39 -7.38 39.06
C GLY A 122 16.29 -8.34 39.42
N LYS A 123 15.02 -7.95 39.23
CA LYS A 123 13.92 -8.83 39.59
C LYS A 123 13.86 -10.02 38.63
N GLU A 124 13.66 -11.21 39.21
CA GLU A 124 13.52 -12.43 38.42
C GLU A 124 12.13 -12.53 37.81
N ARG A 125 12.06 -13.12 36.62
CA ARG A 125 10.80 -13.31 35.94
C ARG A 125 10.92 -14.49 34.98
N SER A 126 9.77 -14.98 34.54
CA SER A 126 9.70 -16.06 33.57
C SER A 126 9.70 -15.52 32.14
N ILE A 127 10.08 -16.40 31.21
CA ILE A 127 10.09 -16.02 29.80
C ILE A 127 8.68 -15.89 29.26
N TYR A 128 7.71 -16.56 29.88
CA TYR A 128 6.33 -16.45 29.45
C TYR A 128 5.75 -15.10 29.88
N PHE A 129 4.82 -14.59 29.07
CA PHE A 129 4.19 -13.33 29.42
C PHE A 129 3.31 -13.49 30.64
N GLN A 130 2.60 -14.60 30.74
CA GLN A 130 1.75 -14.90 31.88
C GLN A 130 1.81 -16.39 32.20
N PRO A 131 1.59 -16.76 33.45
CA PRO A 131 1.49 -18.19 33.81
C PRO A 131 0.18 -18.78 33.32
N PRO A 132 0.09 -20.10 33.22
CA PRO A 132 -1.16 -20.72 32.73
C PRO A 132 -2.40 -20.24 33.47
N SER A 133 -2.27 -19.85 34.74
CA SER A 133 -3.42 -19.44 35.52
C SER A 133 -4.10 -18.22 34.94
N PHE A 134 -3.37 -17.39 34.17
CA PHE A 134 -3.96 -16.20 33.58
C PHE A 134 -4.91 -16.54 32.44
N TYR A 135 -4.74 -17.69 31.81
CA TYR A 135 -5.58 -18.07 30.68
C TYR A 135 -6.74 -18.96 31.11
N VAL A 136 -7.79 -18.95 30.29
CA VAL A 136 -8.88 -19.91 30.37
C VAL A 136 -8.75 -20.87 29.19
N SER A 137 -9.51 -21.95 29.23
CA SER A 137 -9.49 -22.92 28.15
C SER A 137 -10.47 -22.51 27.05
N ALA A 138 -10.09 -22.83 25.81
CA ALA A 138 -10.94 -22.49 24.68
C ALA A 138 -12.32 -23.11 24.79
N GLN A 139 -12.42 -24.30 25.40
CA GLN A 139 -13.73 -24.93 25.55
C GLN A 139 -14.64 -24.09 26.43
N ASP A 140 -14.09 -23.51 27.49
CA ASP A 140 -14.86 -22.73 28.45
C ASP A 140 -14.94 -21.25 28.10
N LEU A 141 -14.17 -20.79 27.12
CA LEU A 141 -14.14 -19.38 26.78
C LEU A 141 -15.53 -18.79 26.51
N PRO A 142 -16.46 -19.50 25.86
CA PRO A 142 -17.79 -18.92 25.62
C PRO A 142 -18.69 -18.89 26.84
N HIS A 143 -18.31 -19.52 27.95
CA HIS A 143 -19.19 -19.64 29.11
C HIS A 143 -18.67 -18.92 30.35
N ILE A 144 -17.36 -18.89 30.58
CA ILE A 144 -16.85 -18.30 31.81
C ILE A 144 -17.36 -16.87 31.93
N GLU A 145 -17.74 -16.49 33.15
CA GLU A 145 -18.24 -15.14 33.39
C GLU A 145 -17.15 -14.11 33.14
N ASN A 146 -17.51 -13.03 32.45
CA ASN A 146 -16.58 -11.97 32.08
C ASN A 146 -15.44 -12.48 31.20
N GLY A 147 -15.66 -13.58 30.49
CA GLY A 147 -14.74 -14.04 29.47
C GLY A 147 -13.33 -14.27 29.99
N GLY A 148 -12.37 -14.08 29.09
CA GLY A 148 -10.98 -14.30 29.40
C GLY A 148 -10.18 -14.40 28.11
N VAL A 149 -8.96 -14.93 28.24
CA VAL A 149 -8.08 -15.16 27.10
C VAL A 149 -7.74 -16.64 27.08
N ALA A 150 -8.02 -17.29 25.96
CA ALA A 150 -7.71 -18.70 25.76
C ALA A 150 -6.67 -18.84 24.65
N VAL A 151 -5.83 -19.87 24.78
CA VAL A 151 -4.80 -20.18 23.80
C VAL A 151 -5.04 -21.61 23.30
N LEU A 152 -5.15 -21.75 21.99
CA LEU A 152 -5.32 -23.06 21.36
C LEU A 152 -3.96 -23.47 20.80
N THR A 153 -3.16 -24.12 21.63
CA THR A 153 -1.81 -24.51 21.25
C THR A 153 -1.84 -25.72 20.32
N GLY A 154 -0.76 -25.89 19.58
CA GLY A 154 -0.65 -27.02 18.66
C GLY A 154 -1.67 -27.01 17.55
N LYS A 155 -2.17 -25.83 17.18
CA LYS A 155 -3.15 -25.69 16.11
C LYS A 155 -2.73 -24.54 15.21
N LYS A 156 -2.79 -24.77 13.90
CA LYS A 156 -2.37 -23.78 12.91
C LYS A 156 -3.58 -23.40 12.07
N VAL A 157 -3.81 -22.08 11.94
CA VAL A 157 -4.80 -21.59 10.99
C VAL A 157 -4.22 -21.76 9.58
N VAL A 158 -4.91 -22.54 8.75
CA VAL A 158 -4.43 -22.85 7.41
C VAL A 158 -5.27 -22.21 6.31
N GLN A 159 -6.42 -21.63 6.65
CA GLN A 159 -7.28 -21.01 5.65
C GLN A 159 -8.03 -19.85 6.31
N LEU A 160 -8.20 -18.77 5.55
CA LEU A 160 -8.83 -17.54 6.04
C LEU A 160 -9.88 -17.09 5.04
N ASP A 161 -11.15 -17.12 5.45
CA ASP A 161 -12.26 -16.67 4.61
C ASP A 161 -12.69 -15.30 5.10
N VAL A 162 -12.14 -14.26 4.47
CA VAL A 162 -12.45 -12.90 4.88
C VAL A 162 -13.94 -12.59 4.69
N ARG A 163 -14.53 -13.16 3.64
CA ARG A 163 -15.94 -12.86 3.33
C ARG A 163 -16.87 -13.33 4.44
N ASP A 164 -16.63 -14.53 4.98
CA ASP A 164 -17.49 -15.12 5.98
C ASP A 164 -16.91 -15.02 7.39
N ASN A 165 -15.85 -14.23 7.58
CA ASN A 165 -15.22 -14.06 8.89
C ASN A 165 -14.97 -15.42 9.55
N MET A 166 -14.32 -16.31 8.81
CA MET A 166 -14.13 -17.69 9.25
C MET A 166 -12.71 -18.13 8.95
N VAL A 167 -12.20 -19.03 9.79
CA VAL A 167 -10.90 -19.65 9.60
C VAL A 167 -11.08 -21.17 9.69
N LYS A 168 -10.15 -21.89 9.06
CA LYS A 168 -10.10 -23.34 9.15
C LYS A 168 -8.74 -23.74 9.69
N LEU A 169 -8.74 -24.59 10.72
CA LEU A 169 -7.51 -25.05 11.33
C LEU A 169 -7.01 -26.31 10.62
N ASN A 170 -5.76 -26.67 10.90
CA ASN A 170 -5.14 -27.83 10.26
C ASN A 170 -5.89 -29.12 10.55
N ASP A 171 -6.72 -29.15 11.60
CA ASP A 171 -7.48 -30.35 11.94
C ASP A 171 -8.90 -30.33 11.39
N GLY A 172 -9.19 -29.42 10.46
CA GLY A 172 -10.50 -29.34 9.85
C GLY A 172 -11.51 -28.50 10.60
N SER A 173 -11.29 -28.25 11.89
CA SER A 173 -12.23 -27.44 12.65
C SER A 173 -12.30 -26.03 12.09
N GLN A 174 -13.47 -25.41 12.25
CA GLN A 174 -13.72 -24.08 11.72
C GLN A 174 -14.17 -23.15 12.84
N ILE A 175 -13.67 -21.92 12.83
CA ILE A 175 -13.96 -20.92 13.85
C ILE A 175 -14.36 -19.63 13.13
N THR A 176 -15.54 -19.12 13.45
CA THR A 176 -15.94 -17.80 12.98
C THR A 176 -15.55 -16.76 14.01
N TYR A 177 -15.41 -15.52 13.54
CA TYR A 177 -14.97 -14.43 14.40
C TYR A 177 -15.73 -13.17 14.03
N GLU A 178 -15.64 -12.18 14.91
CA GLU A 178 -16.13 -10.83 14.66
C GLU A 178 -14.98 -9.87 14.37
N LYS A 179 -13.89 -9.99 15.11
CA LYS A 179 -12.67 -9.23 14.86
C LYS A 179 -11.50 -10.21 14.85
N CYS A 180 -10.53 -9.98 13.97
CA CYS A 180 -9.42 -10.90 13.79
C CYS A 180 -8.11 -10.14 13.70
N LEU A 181 -7.08 -10.68 14.34
CA LEU A 181 -5.71 -10.18 14.24
C LEU A 181 -4.82 -11.27 13.65
N ILE A 182 -4.10 -10.93 12.60
CA ILE A 182 -3.05 -11.79 12.06
C ILE A 182 -1.75 -11.36 12.72
N ALA A 183 -1.18 -12.24 13.53
CA ALA A 183 0.08 -11.99 14.23
C ALA A 183 0.98 -13.22 14.06
N THR A 184 1.25 -13.56 12.80
CA THR A 184 1.96 -14.78 12.47
C THR A 184 3.47 -14.65 12.55
N GLY A 185 3.99 -13.43 12.68
CA GLY A 185 5.44 -13.27 12.78
C GLY A 185 6.13 -13.69 11.50
N GLY A 186 7.22 -14.45 11.65
CA GLY A 186 8.00 -14.88 10.50
C GLY A 186 8.72 -16.17 10.78
N THR A 187 9.27 -16.76 9.71
CA THR A 187 10.07 -17.96 9.78
C THR A 187 11.52 -17.65 9.46
N PRO A 188 12.48 -18.20 10.20
CA PRO A 188 13.89 -17.94 9.88
C PRO A 188 14.22 -18.41 8.47
N ARG A 189 15.00 -17.60 7.76
CA ARG A 189 15.48 -17.99 6.44
C ARG A 189 16.64 -18.96 6.56
N SER A 190 16.86 -19.71 5.48
CA SER A 190 17.98 -20.63 5.37
C SER A 190 18.83 -20.24 4.18
N LEU A 191 20.11 -20.57 4.24
CA LEU A 191 21.03 -20.28 3.15
C LEU A 191 20.86 -21.28 2.02
N SER A 192 21.08 -20.81 0.79
CA SER A 192 21.03 -21.71 -0.36
C SER A 192 22.11 -22.78 -0.27
N ALA A 193 23.24 -22.46 0.36
CA ALA A 193 24.30 -23.45 0.49
C ALA A 193 23.91 -24.56 1.45
N ILE A 194 23.16 -24.21 2.51
CA ILE A 194 22.67 -25.24 3.42
C ILE A 194 21.51 -26.01 2.78
N ASP A 195 20.76 -25.37 1.88
CA ASP A 195 19.69 -26.08 1.18
C ASP A 195 20.25 -27.07 0.18
N ARG A 196 21.30 -26.68 -0.54
CA ARG A 196 21.92 -27.55 -1.53
C ARG A 196 22.80 -28.63 -0.91
N ALA A 197 23.03 -28.58 0.41
CA ALA A 197 23.88 -29.55 1.07
C ALA A 197 23.07 -30.79 1.46
N GLY A 198 23.78 -31.81 1.93
CA GLY A 198 23.15 -33.05 2.31
C GLY A 198 22.28 -32.91 3.55
N ALA A 199 21.64 -34.03 3.91
CA ALA A 199 20.83 -34.04 5.12
C ALA A 199 21.70 -34.05 6.36
N GLU A 200 22.91 -34.60 6.28
CA GLU A 200 23.83 -34.56 7.41
C GLU A 200 24.14 -33.13 7.80
N VAL A 201 24.27 -32.24 6.81
CA VAL A 201 24.50 -30.83 7.09
C VAL A 201 23.26 -30.20 7.69
N LYS A 202 22.10 -30.46 7.07
CA LYS A 202 20.85 -29.90 7.57
C LYS A 202 20.54 -30.38 8.99
N SER A 203 21.00 -31.58 9.35
CA SER A 203 20.74 -32.08 10.71
C SER A 203 21.58 -31.35 11.75
N ARG A 204 22.75 -30.83 11.37
CA ARG A 204 23.62 -30.11 12.28
C ARG A 204 23.67 -28.62 11.97
N THR A 205 22.53 -28.04 11.58
CA THR A 205 22.40 -26.62 11.36
C THR A 205 21.13 -26.14 12.05
N THR A 206 21.27 -25.10 12.86
CA THR A 206 20.20 -24.63 13.73
C THR A 206 19.66 -23.30 13.23
N LEU A 207 18.33 -23.20 13.14
CA LEU A 207 17.64 -21.93 12.89
C LEU A 207 17.04 -21.47 14.21
N PHE A 208 17.65 -20.44 14.80
CA PHE A 208 17.34 -20.05 16.18
C PHE A 208 16.12 -19.13 16.21
N ARG A 209 15.07 -19.58 16.91
CA ARG A 209 13.86 -18.78 17.03
C ARG A 209 13.08 -19.12 18.30
N LYS A 210 12.86 -20.41 18.55
CA LYS A 210 11.93 -20.86 19.57
C LYS A 210 12.67 -21.37 20.80
N ILE A 211 11.89 -21.71 21.83
CA ILE A 211 12.46 -22.27 23.05
C ILE A 211 13.22 -23.55 22.76
N GLY A 212 12.70 -24.37 21.84
CA GLY A 212 13.37 -25.61 21.50
C GLY A 212 14.77 -25.39 20.95
N ASP A 213 14.95 -24.32 20.17
CA ASP A 213 16.26 -24.03 19.61
C ASP A 213 17.24 -23.59 20.69
N PHE A 214 16.77 -22.90 21.72
CA PHE A 214 17.65 -22.50 22.81
C PHE A 214 18.08 -23.72 23.61
N ARG A 215 17.16 -24.65 23.89
CA ARG A 215 17.53 -25.86 24.60
C ARG A 215 18.38 -26.78 23.74
N SER A 216 18.09 -26.85 22.44
CA SER A 216 18.89 -27.69 21.55
C SER A 216 20.31 -27.16 21.41
N LEU A 217 20.46 -25.85 21.22
CA LEU A 217 21.80 -25.29 21.04
C LEU A 217 22.57 -25.23 22.35
N GLU A 218 21.88 -25.07 23.48
CA GLU A 218 22.56 -25.08 24.77
C GLU A 218 23.14 -26.46 25.07
N LYS A 219 22.39 -27.51 24.74
CA LYS A 219 22.93 -28.87 24.91
C LYS A 219 24.10 -29.10 23.95
N ILE A 220 24.02 -28.55 22.74
CA ILE A 220 25.11 -28.71 21.77
C ILE A 220 26.37 -28.03 22.29
N SER A 221 26.24 -26.82 22.84
CA SER A 221 27.41 -26.09 23.32
C SER A 221 28.15 -26.86 24.41
N ARG A 222 27.47 -27.78 25.10
CA ARG A 222 28.09 -28.61 26.12
C ARG A 222 28.58 -29.95 25.58
N GLU A 223 28.46 -30.19 24.27
CA GLU A 223 28.80 -31.48 23.70
C GLU A 223 29.90 -31.40 22.65
N VAL A 224 29.81 -30.46 21.72
CA VAL A 224 30.80 -30.33 20.65
C VAL A 224 31.84 -29.30 21.06
N LYS A 225 32.88 -29.15 20.23
CA LYS A 225 33.98 -28.24 20.51
C LYS A 225 34.00 -27.01 19.62
N SER A 226 33.24 -26.99 18.53
CA SER A 226 33.25 -25.88 17.60
C SER A 226 31.83 -25.62 17.09
N ILE A 227 31.34 -24.40 17.31
CA ILE A 227 30.07 -23.96 16.77
C ILE A 227 30.34 -22.73 15.91
N THR A 228 29.77 -22.71 14.71
CA THR A 228 29.93 -21.61 13.78
C THR A 228 28.59 -20.91 13.58
N ILE A 229 28.55 -19.61 13.86
CA ILE A 229 27.37 -18.80 13.60
C ILE A 229 27.54 -18.14 12.24
N ILE A 230 26.53 -18.26 11.39
CA ILE A 230 26.53 -17.63 10.08
C ILE A 230 25.49 -16.52 10.11
N GLY A 231 25.97 -15.28 10.04
CA GLY A 231 25.11 -14.11 10.15
C GLY A 231 25.67 -13.10 11.13
N GLY A 232 25.81 -11.85 10.70
CA GLY A 232 26.42 -10.81 11.50
C GLY A 232 25.48 -9.80 12.11
N GLY A 233 24.18 -10.05 12.09
CA GLY A 233 23.21 -9.12 12.64
C GLY A 233 23.03 -9.28 14.14
N PHE A 234 21.88 -8.82 14.62
CA PHE A 234 21.59 -8.88 16.05
C PHE A 234 21.67 -10.31 16.57
N LEU A 235 20.93 -11.23 15.94
CA LEU A 235 20.84 -12.59 16.45
C LEU A 235 22.20 -13.27 16.45
N GLY A 236 22.91 -13.18 15.33
CA GLY A 236 24.23 -13.80 15.26
C GLY A 236 25.20 -13.25 16.28
N SER A 237 25.23 -11.92 16.42
CA SER A 237 26.19 -11.30 17.32
C SER A 237 25.87 -11.59 18.78
N GLU A 238 24.58 -11.65 19.12
CA GLU A 238 24.19 -11.94 20.50
C GLU A 238 24.47 -13.39 20.85
N LEU A 239 24.20 -14.32 19.93
CA LEU A 239 24.52 -15.72 20.17
C LEU A 239 26.02 -15.94 20.25
N ALA A 240 26.80 -15.18 19.48
CA ALA A 240 28.25 -15.32 19.54
C ALA A 240 28.79 -14.90 20.91
N CYS A 241 28.29 -13.79 21.44
CA CYS A 241 28.69 -13.38 22.79
C CYS A 241 28.25 -14.40 23.83
N ALA A 242 27.05 -14.98 23.65
CA ALA A 242 26.56 -15.97 24.59
C ALA A 242 27.42 -17.23 24.54
N LEU A 243 27.57 -17.81 23.35
CA LEU A 243 28.42 -18.99 23.22
C LEU A 243 29.86 -18.68 23.58
N GLY A 244 30.30 -17.44 23.37
CA GLY A 244 31.65 -17.07 23.76
C GLY A 244 31.85 -17.17 25.27
N ARG A 245 30.88 -16.70 26.05
CA ARG A 245 30.96 -16.84 27.50
C ARG A 245 31.02 -18.31 27.90
N LYS A 246 30.10 -19.12 27.36
CA LYS A 246 30.09 -20.54 27.67
C LYS A 246 31.39 -21.21 27.21
N ALA A 247 31.89 -20.82 26.03
CA ALA A 247 33.09 -21.45 25.50
C ALA A 247 34.34 -21.11 26.31
N ARG A 248 34.34 -19.99 27.03
CA ARG A 248 35.51 -19.63 27.83
C ARG A 248 35.66 -20.57 29.02
N ALA A 249 34.55 -20.98 29.62
CA ALA A 249 34.60 -21.89 30.75
C ALA A 249 34.81 -23.34 30.33
N LEU A 250 34.38 -23.69 29.12
CA LEU A 250 34.55 -25.05 28.60
C LEU A 250 35.78 -25.19 27.70
N GLY A 251 36.41 -24.09 27.31
CA GLY A 251 37.57 -24.14 26.43
C GLY A 251 37.24 -24.46 24.99
N THR A 252 35.99 -24.35 24.59
CA THR A 252 35.57 -24.70 23.24
C THR A 252 35.73 -23.50 22.30
N GLU A 253 35.21 -23.62 21.09
CA GLU A 253 35.42 -22.64 20.03
C GLU A 253 34.09 -22.09 19.55
N VAL A 254 34.07 -20.81 19.20
CA VAL A 254 32.88 -20.16 18.65
C VAL A 254 33.32 -19.28 17.48
N ILE A 255 32.87 -19.63 16.28
CA ILE A 255 33.18 -18.89 15.06
C ILE A 255 31.93 -18.15 14.63
N GLN A 256 32.12 -16.93 14.12
CA GLN A 256 31.04 -16.14 13.53
C GLN A 256 31.54 -15.55 12.22
N LEU A 257 30.93 -15.95 11.12
CA LEU A 257 31.30 -15.45 9.79
C LEU A 257 30.09 -14.79 9.14
N PHE A 258 30.35 -13.75 8.37
CA PHE A 258 29.31 -13.00 7.68
C PHE A 258 29.96 -12.21 6.54
N PRO A 259 29.17 -11.79 5.54
CA PRO A 259 29.78 -11.10 4.39
C PRO A 259 30.13 -9.65 4.63
N GLU A 260 29.52 -8.99 5.61
CA GLU A 260 29.79 -7.58 5.84
C GLU A 260 31.20 -7.40 6.41
N LYS A 261 31.64 -6.14 6.43
CA LYS A 261 32.95 -5.82 7.00
C LYS A 261 32.98 -5.90 8.51
N GLY A 262 31.82 -5.93 9.16
CA GLY A 262 31.75 -5.99 10.60
C GLY A 262 30.36 -6.34 11.07
N ASN A 263 30.25 -6.58 12.37
CA ASN A 263 28.96 -6.89 12.98
C ASN A 263 28.00 -5.72 12.81
N MET A 264 26.73 -6.03 12.52
CA MET A 264 25.70 -5.03 12.28
C MET A 264 26.14 -4.03 11.22
N GLY A 265 26.82 -4.52 10.18
CA GLY A 265 27.23 -3.65 9.10
C GLY A 265 26.07 -2.97 8.41
N LYS A 266 24.88 -3.59 8.45
CA LYS A 266 23.70 -3.02 7.84
C LYS A 266 22.98 -2.02 8.75
N ILE A 267 23.36 -1.96 10.03
CA ILE A 267 22.70 -1.12 11.02
C ILE A 267 23.58 0.04 11.44
N LEU A 268 24.86 -0.24 11.77
CA LEU A 268 25.75 0.77 12.31
C LEU A 268 26.72 1.27 11.24
N PRO A 269 27.19 2.52 11.36
CA PRO A 269 28.25 2.97 10.45
C PRO A 269 29.48 2.08 10.56
N GLU A 270 30.36 2.20 9.58
CA GLU A 270 31.49 1.28 9.49
C GLU A 270 32.39 1.36 10.72
N TYR A 271 32.67 2.58 11.19
CA TYR A 271 33.59 2.73 12.32
C TYR A 271 33.01 2.10 13.58
N LEU A 272 31.69 2.19 13.76
CA LEU A 272 31.06 1.60 14.94
C LEU A 272 30.84 0.10 14.77
N SER A 273 30.56 -0.35 13.56
CA SER A 273 30.50 -1.80 13.30
C SER A 273 31.85 -2.46 13.54
N ASN A 274 32.92 -1.80 13.13
CA ASN A 274 34.25 -2.35 13.36
C ASN A 274 34.58 -2.39 14.85
N TRP A 275 34.23 -1.33 15.58
CA TRP A 275 34.43 -1.32 17.02
C TRP A 275 33.65 -2.45 17.70
N THR A 276 32.42 -2.68 17.24
CA THR A 276 31.61 -3.77 17.80
C THR A 276 32.24 -5.12 17.52
N MET A 277 32.78 -5.32 16.32
CA MET A 277 33.39 -6.60 15.98
C MET A 277 34.55 -6.93 16.93
N GLU A 278 35.30 -5.91 17.35
CA GLU A 278 36.39 -6.15 18.28
C GLU A 278 35.87 -6.50 19.67
N LYS A 279 34.81 -5.84 20.11
CA LYS A 279 34.19 -6.20 21.39
C LYS A 279 33.71 -7.66 21.36
N VAL A 280 33.07 -8.06 20.26
CA VAL A 280 32.62 -9.44 20.12
C VAL A 280 33.81 -10.39 20.17
N ARG A 281 34.88 -10.07 19.44
CA ARG A 281 36.07 -10.91 19.45
C ARG A 281 36.61 -11.09 20.86
N ARG A 282 36.63 -10.02 21.65
CA ARG A 282 37.14 -10.12 23.02
C ARG A 282 36.21 -10.88 23.94
N GLU A 283 35.02 -11.27 23.49
CA GLU A 283 34.17 -12.18 24.25
C GLU A 283 34.52 -13.65 24.02
N GLY A 284 35.58 -13.92 23.28
CA GLY A 284 35.98 -15.27 22.96
C GLY A 284 35.48 -15.78 21.64
N VAL A 285 35.19 -14.91 20.68
CA VAL A 285 34.62 -15.28 19.39
C VAL A 285 35.68 -15.10 18.31
N LYS A 286 35.69 -16.01 17.35
CA LYS A 286 36.54 -15.92 16.17
C LYS A 286 35.69 -15.35 15.04
N VAL A 287 35.75 -14.03 14.87
CA VAL A 287 34.92 -13.33 13.90
C VAL A 287 35.62 -13.32 12.55
N MET A 288 34.89 -13.69 11.50
CA MET A 288 35.41 -13.74 10.13
C MET A 288 34.54 -12.85 9.25
N PRO A 289 34.86 -11.56 9.15
CA PRO A 289 34.11 -10.70 8.22
C PRO A 289 34.47 -11.00 6.78
N ASN A 290 33.71 -10.39 5.87
CA ASN A 290 33.95 -10.52 4.43
C ASN A 290 33.92 -11.99 4.00
N ALA A 291 33.02 -12.77 4.59
CA ALA A 291 32.92 -14.20 4.36
C ALA A 291 31.59 -14.49 3.67
N ILE A 292 31.67 -15.11 2.49
CA ILE A 292 30.49 -15.52 1.72
C ILE A 292 30.55 -17.03 1.58
N VAL A 293 29.60 -17.74 2.19
CA VAL A 293 29.58 -19.19 2.13
C VAL A 293 29.33 -19.64 0.70
N GLN A 294 30.19 -20.51 0.20
CA GLN A 294 30.04 -21.11 -1.13
C GLN A 294 29.37 -22.47 -1.07
N SER A 295 29.83 -23.36 -0.19
CA SER A 295 29.24 -24.67 -0.02
C SER A 295 29.47 -25.13 1.41
N VAL A 296 28.77 -26.20 1.79
CA VAL A 296 28.93 -26.80 3.11
C VAL A 296 28.85 -28.32 2.96
N GLY A 297 29.77 -29.02 3.61
CA GLY A 297 29.80 -30.47 3.57
C GLY A 297 30.39 -31.02 4.85
N VAL A 298 30.38 -32.34 4.97
CA VAL A 298 30.92 -33.06 6.12
C VAL A 298 32.25 -33.68 5.70
N SER A 299 33.31 -33.35 6.43
CA SER A 299 34.65 -33.88 6.16
C SER A 299 35.18 -34.48 7.45
N SER A 300 35.36 -35.80 7.47
CA SER A 300 35.83 -36.51 8.66
C SER A 300 34.86 -36.32 9.82
N GLY A 301 33.56 -36.36 9.52
CA GLY A 301 32.52 -36.17 10.51
C GLY A 301 32.32 -34.75 10.97
N LYS A 302 33.15 -33.81 10.54
CA LYS A 302 33.06 -32.40 10.93
C LYS A 302 32.54 -31.59 9.75
N LEU A 303 31.72 -30.58 10.06
CA LEU A 303 31.22 -29.70 9.02
C LEU A 303 32.35 -28.87 8.44
N LEU A 304 32.35 -28.71 7.12
CA LEU A 304 33.38 -27.99 6.40
C LEU A 304 32.72 -26.91 5.55
N ILE A 305 32.96 -25.65 5.91
CA ILE A 305 32.39 -24.50 5.22
C ILE A 305 33.45 -23.93 4.29
N LYS A 306 33.17 -23.97 2.99
CA LYS A 306 34.06 -23.41 1.98
C LYS A 306 33.57 -22.00 1.62
N LEU A 307 34.40 -21.00 1.87
CA LEU A 307 34.06 -19.63 1.56
C LEU A 307 34.49 -19.27 0.14
N LYS A 308 33.74 -18.36 -0.48
CA LYS A 308 34.01 -17.98 -1.87
C LYS A 308 35.43 -17.47 -2.06
N ASP A 309 36.07 -16.96 -1.01
CA ASP A 309 37.39 -16.36 -1.12
C ASP A 309 38.52 -17.36 -0.87
N GLY A 310 38.20 -18.64 -0.73
CA GLY A 310 39.20 -19.68 -0.61
C GLY A 310 39.39 -20.21 0.80
N ARG A 311 38.96 -19.46 1.82
CA ARG A 311 39.12 -19.93 3.19
C ARG A 311 38.18 -21.09 3.48
N LYS A 312 38.58 -21.92 4.44
CA LYS A 312 37.80 -23.07 4.87
C LYS A 312 37.68 -23.07 6.39
N VAL A 313 36.53 -23.49 6.89
CA VAL A 313 36.25 -23.52 8.33
C VAL A 313 35.76 -24.90 8.71
N GLU A 314 36.48 -25.56 9.61
CA GLU A 314 36.08 -26.86 10.14
C GLU A 314 35.38 -26.64 11.48
N THR A 315 34.16 -27.15 11.61
CA THR A 315 33.37 -26.96 12.82
C THR A 315 32.44 -28.15 13.00
N ASP A 316 31.81 -28.20 14.18
CA ASP A 316 30.94 -29.31 14.55
C ASP A 316 29.46 -29.00 14.38
N HIS A 317 29.06 -27.73 14.56
CA HIS A 317 27.66 -27.36 14.45
C HIS A 317 27.57 -25.96 13.85
N ILE A 318 26.50 -25.71 13.13
CA ILE A 318 26.26 -24.44 12.46
C ILE A 318 24.96 -23.84 13.00
N VAL A 319 24.96 -22.53 13.21
CA VAL A 319 23.76 -21.79 13.56
C VAL A 319 23.54 -20.73 12.49
N ALA A 320 22.42 -20.83 11.77
CA ALA A 320 22.08 -19.89 10.71
C ALA A 320 21.21 -18.78 11.29
N ALA A 321 21.74 -17.56 11.32
CA ALA A 321 21.01 -16.37 11.73
C ALA A 321 21.07 -15.37 10.58
N VAL A 322 20.33 -15.64 9.51
CA VAL A 322 20.46 -14.89 8.26
C VAL A 322 19.12 -14.31 7.82
N GLY A 323 18.32 -13.85 8.76
CA GLY A 323 17.13 -13.08 8.44
C GLY A 323 15.84 -13.86 8.66
N LEU A 324 14.74 -13.20 8.29
CA LEU A 324 13.40 -13.64 8.63
C LEU A 324 12.48 -13.47 7.42
N GLU A 325 11.60 -14.45 7.21
CA GLU A 325 10.57 -14.35 6.17
C GLU A 325 9.20 -14.16 6.82
N PRO A 326 8.46 -13.11 6.49
CA PRO A 326 7.12 -12.95 7.07
C PRO A 326 6.21 -14.11 6.69
N ASN A 327 5.45 -14.59 7.66
CA ASN A 327 4.52 -15.70 7.43
C ASN A 327 3.24 -15.13 6.83
N VAL A 328 3.13 -15.21 5.50
CA VAL A 328 1.99 -14.63 4.80
C VAL A 328 1.27 -15.73 4.03
N GLU A 329 1.30 -16.95 4.56
CA GLU A 329 0.60 -18.07 3.92
C GLU A 329 -0.88 -17.73 3.73
N LEU A 330 -1.49 -17.12 4.74
CA LEU A 330 -2.93 -16.89 4.75
C LEU A 330 -3.36 -15.79 3.79
N ALA A 331 -2.43 -15.06 3.19
CA ALA A 331 -2.81 -14.01 2.26
C ALA A 331 -3.49 -14.59 1.02
N LYS A 332 -3.03 -15.76 0.57
CA LYS A 332 -3.59 -16.39 -0.62
C LYS A 332 -5.08 -16.64 -0.46
N THR A 333 -5.46 -17.53 0.47
CA THR A 333 -6.87 -17.84 0.66
C THR A 333 -7.66 -16.61 1.11
N GLY A 334 -7.03 -15.70 1.83
CA GLY A 334 -7.73 -14.53 2.34
C GLY A 334 -7.88 -13.38 1.37
N GLY A 335 -7.22 -13.47 0.21
CA GLY A 335 -7.25 -12.35 -0.71
C GLY A 335 -6.66 -11.09 -0.13
N LEU A 336 -5.65 -11.22 0.72
CA LEU A 336 -5.03 -10.08 1.38
C LEU A 336 -3.77 -9.67 0.63
N GLU A 337 -3.59 -8.36 0.49
CA GLU A 337 -2.45 -7.82 -0.23
C GLU A 337 -1.18 -7.97 0.60
N ILE A 338 -0.11 -8.42 -0.03
CA ILE A 338 1.21 -8.42 0.59
C ILE A 338 2.03 -7.33 -0.08
N ASP A 339 3.06 -6.87 0.62
CA ASP A 339 3.89 -5.77 0.16
C ASP A 339 5.11 -6.31 -0.57
N SER A 340 5.28 -5.91 -1.83
CA SER A 340 6.38 -6.43 -2.65
C SER A 340 7.72 -5.86 -2.22
N ASP A 341 7.74 -4.64 -1.67
CA ASP A 341 9.01 -4.00 -1.32
C ASP A 341 9.53 -4.47 0.03
N PHE A 342 8.69 -4.40 1.07
CA PHE A 342 9.11 -4.74 2.43
C PHE A 342 8.64 -6.12 2.88
N GLY A 343 7.81 -6.80 2.09
CA GLY A 343 7.24 -8.06 2.52
C GLY A 343 6.19 -7.89 3.59
N GLY A 344 5.44 -8.95 3.87
CA GLY A 344 4.42 -8.93 4.89
C GLY A 344 3.08 -8.46 4.36
N PHE A 345 2.08 -8.52 5.24
CA PHE A 345 0.75 -8.05 4.90
C PHE A 345 0.75 -6.53 4.84
N ARG A 346 0.20 -5.99 3.76
CA ARG A 346 0.11 -4.54 3.60
C ARG A 346 -1.11 -4.03 4.36
N VAL A 347 -0.87 -3.22 5.40
CA VAL A 347 -1.92 -2.63 6.21
C VAL A 347 -1.67 -1.13 6.30
N ASN A 348 -2.70 -0.41 6.74
CA ASN A 348 -2.65 1.05 6.76
C ASN A 348 -2.10 1.52 8.10
N ALA A 349 -2.23 2.82 8.37
CA ALA A 349 -1.66 3.40 9.59
C ALA A 349 -2.28 2.81 10.85
N GLU A 350 -3.51 2.30 10.77
CA GLU A 350 -4.18 1.69 11.91
C GLU A 350 -3.95 0.19 11.98
N LEU A 351 -3.00 -0.34 11.20
CA LEU A 351 -2.67 -1.76 11.17
C LEU A 351 -3.83 -2.59 10.62
N GLN A 352 -4.76 -1.97 9.92
CA GLN A 352 -5.94 -2.63 9.40
C GLN A 352 -5.73 -3.06 7.95
N ALA A 353 -6.15 -4.28 7.64
CA ALA A 353 -6.15 -4.80 6.28
C ALA A 353 -7.54 -4.74 5.65
N ARG A 354 -8.56 -5.22 6.35
CA ARG A 354 -9.94 -5.19 5.89
C ARG A 354 -10.81 -4.77 7.06
N SER A 355 -12.13 -4.83 6.87
CA SER A 355 -13.05 -4.28 7.86
C SER A 355 -12.82 -4.84 9.26
N ASN A 356 -12.59 -6.15 9.36
CA ASN A 356 -12.47 -6.81 10.66
C ASN A 356 -11.18 -7.60 10.78
N ILE A 357 -10.11 -7.17 10.11
CA ILE A 357 -8.85 -7.89 10.11
C ILE A 357 -7.71 -6.88 10.24
N TRP A 358 -6.92 -7.01 11.29
CA TRP A 358 -5.71 -6.23 11.49
C TRP A 358 -4.50 -7.15 11.44
N VAL A 359 -3.32 -6.54 11.30
CA VAL A 359 -2.05 -7.26 11.31
C VAL A 359 -1.08 -6.46 12.16
N ALA A 360 -0.31 -7.16 13.00
CA ALA A 360 0.66 -6.53 13.88
C ALA A 360 1.91 -7.40 13.93
N GLY A 361 2.98 -6.83 14.47
CA GLY A 361 4.20 -7.58 14.66
C GLY A 361 5.07 -7.61 13.41
N ASP A 362 5.91 -8.65 13.35
CA ASP A 362 6.88 -8.77 12.27
C ASP A 362 6.23 -8.86 10.91
N ALA A 363 5.02 -9.41 10.83
CA ALA A 363 4.35 -9.66 9.56
C ALA A 363 3.58 -8.47 9.04
N ALA A 364 3.57 -7.35 9.76
CA ALA A 364 2.73 -6.20 9.42
C ALA A 364 3.57 -5.14 8.73
N CYS A 365 3.33 -4.95 7.43
CA CYS A 365 3.85 -3.81 6.70
C CYS A 365 2.81 -2.70 6.79
N PHE A 366 3.10 -1.67 7.58
CA PHE A 366 2.15 -0.62 7.90
C PHE A 366 2.63 0.71 7.32
N TYR A 367 1.74 1.70 7.38
CA TYR A 367 2.06 3.05 6.94
C TYR A 367 2.34 3.90 8.16
N ASP A 368 3.59 4.37 8.29
CA ASP A 368 3.98 5.29 9.34
C ASP A 368 3.76 6.71 8.83
N ILE A 369 2.78 7.40 9.41
CA ILE A 369 2.42 8.72 8.92
C ILE A 369 3.61 9.67 8.97
N LYS A 370 4.59 9.40 9.81
CA LYS A 370 5.77 10.26 9.95
C LYS A 370 6.99 9.73 9.21
N LEU A 371 7.20 8.41 9.20
CA LEU A 371 8.40 7.82 8.61
C LEU A 371 8.15 7.10 7.30
N GLY A 372 6.91 6.95 6.87
CA GLY A 372 6.58 6.27 5.64
C GLY A 372 6.36 4.78 5.83
N ARG A 373 5.96 4.13 4.74
CA ARG A 373 5.67 2.70 4.79
C ARG A 373 6.90 1.92 5.17
N ARG A 374 6.73 0.94 6.06
CA ARG A 374 7.85 0.15 6.54
C ARG A 374 7.32 -1.11 7.23
N ARG A 375 8.23 -2.00 7.59
CA ARG A 375 7.93 -3.18 8.36
C ARG A 375 9.04 -3.40 9.37
N VAL A 376 8.68 -3.55 10.64
CA VAL A 376 9.62 -3.64 11.75
C VAL A 376 9.57 -5.04 12.33
N GLU A 377 10.72 -5.50 12.82
CA GLU A 377 10.88 -6.83 13.40
C GLU A 377 11.52 -6.74 14.77
N HIS A 378 10.96 -5.90 15.64
CA HIS A 378 11.50 -5.68 16.98
C HIS A 378 10.48 -6.12 18.03
N HIS A 379 11.00 -6.57 19.17
CA HIS A 379 10.13 -7.03 20.24
C HIS A 379 9.18 -5.93 20.70
N ASP A 380 9.73 -4.75 21.03
CA ASP A 380 8.88 -3.67 21.51
C ASP A 380 7.89 -3.22 20.44
N HIS A 381 8.21 -3.43 19.16
CA HIS A 381 7.27 -3.08 18.12
C HIS A 381 6.07 -4.03 18.12
N ALA A 382 6.32 -5.32 18.33
CA ALA A 382 5.22 -6.28 18.44
C ALA A 382 4.31 -5.93 19.61
N VAL A 383 4.90 -5.44 20.70
CA VAL A 383 4.09 -4.99 21.84
C VAL A 383 3.28 -3.77 21.46
N VAL A 384 3.96 -2.74 20.95
CA VAL A 384 3.27 -1.49 20.60
C VAL A 384 2.21 -1.75 19.54
N SER A 385 2.56 -2.49 18.49
CA SER A 385 1.62 -2.71 17.39
C SER A 385 0.53 -3.69 17.79
N GLY A 386 0.88 -4.72 18.57
CA GLY A 386 -0.14 -5.60 19.10
C GLY A 386 -1.12 -4.86 20.00
N ARG A 387 -0.59 -4.03 20.90
CA ARG A 387 -1.45 -3.20 21.74
C ARG A 387 -2.30 -2.27 20.88
N LEU A 388 -1.72 -1.70 19.82
CA LEU A 388 -2.47 -0.79 18.97
C LEU A 388 -3.56 -1.52 18.21
N ALA A 389 -3.26 -2.71 17.69
CA ALA A 389 -4.28 -3.50 17.01
C ALA A 389 -5.42 -3.85 17.95
N GLY A 390 -5.09 -4.25 19.18
CA GLY A 390 -6.12 -4.58 20.15
C GLY A 390 -7.06 -3.42 20.43
N GLU A 391 -6.49 -2.22 20.62
CA GLU A 391 -7.34 -1.05 20.84
C GLU A 391 -8.23 -0.78 19.64
N ASN A 392 -7.67 -0.87 18.42
CA ASN A 392 -8.44 -0.60 17.22
C ASN A 392 -9.49 -1.69 16.98
N MET A 393 -9.22 -2.93 17.41
CA MET A 393 -10.24 -3.97 17.34
C MET A 393 -11.40 -3.70 18.28
N THR A 394 -11.28 -2.71 19.16
CA THR A 394 -12.35 -2.28 20.05
C THR A 394 -12.76 -0.84 19.77
N GLY A 395 -12.55 -0.38 18.53
CA GLY A 395 -13.08 0.88 18.06
C GLY A 395 -12.17 2.09 18.20
N ALA A 396 -10.91 1.90 18.60
CA ALA A 396 -10.06 3.06 18.89
C ALA A 396 -9.74 3.87 17.65
N ALA A 397 -9.59 3.24 16.49
CA ALA A 397 -9.28 3.93 15.25
C ALA A 397 -8.06 4.84 15.39
N LYS A 398 -7.00 4.30 16.01
CA LYS A 398 -5.78 5.08 16.28
C LYS A 398 -4.66 4.67 15.34
N PRO A 399 -3.91 5.62 14.79
CA PRO A 399 -2.78 5.28 13.92
C PRO A 399 -1.50 5.02 14.71
N TYR A 400 -0.61 4.27 14.09
CA TYR A 400 0.72 4.06 14.65
C TYR A 400 1.42 5.40 14.80
N TRP A 401 1.70 5.78 16.04
CA TRP A 401 2.19 7.12 16.33
C TRP A 401 3.38 7.06 17.29
N HIS A 402 3.17 6.43 18.45
CA HIS A 402 4.25 6.22 19.41
C HIS A 402 5.26 5.25 18.83
N GLN A 403 6.45 5.74 18.49
CA GLN A 403 7.46 4.89 17.89
C GLN A 403 7.96 3.86 18.88
N SER A 404 8.22 2.65 18.37
CA SER A 404 8.78 1.59 19.19
C SER A 404 10.30 1.62 19.10
N MET A 405 10.95 1.20 20.17
CA MET A 405 12.40 1.14 20.24
C MET A 405 12.86 -0.30 20.19
N PHE A 406 14.14 -0.50 19.92
CA PHE A 406 14.76 -1.80 20.09
C PHE A 406 16.10 -1.62 20.78
N TRP A 407 16.64 -2.73 21.28
CA TRP A 407 17.88 -2.69 22.03
C TRP A 407 18.68 -3.95 21.69
N SER A 408 19.93 -3.96 22.14
CA SER A 408 20.78 -5.13 21.96
C SER A 408 21.90 -5.05 22.97
N ASP A 409 22.26 -6.21 23.51
CA ASP A 409 23.38 -6.33 24.44
C ASP A 409 24.39 -7.30 23.84
N LEU A 410 25.63 -6.84 23.71
CA LEU A 410 26.72 -7.65 23.18
C LEU A 410 27.76 -7.82 24.28
N GLY A 411 27.41 -8.60 25.29
CA GLY A 411 28.25 -8.77 26.45
C GLY A 411 27.85 -7.78 27.53
N PRO A 412 28.61 -7.77 28.63
CA PRO A 412 28.30 -6.83 29.72
C PRO A 412 28.79 -5.42 29.48
N ASP A 413 29.68 -5.21 28.52
CA ASP A 413 30.30 -3.92 28.27
C ASP A 413 29.79 -3.23 27.01
N VAL A 414 28.83 -3.82 26.30
CA VAL A 414 28.29 -3.24 25.07
C VAL A 414 26.78 -3.40 25.10
N GLY A 415 26.06 -2.29 25.17
CA GLY A 415 24.61 -2.30 25.05
C GLY A 415 24.12 -1.00 24.45
N TYR A 416 23.22 -1.08 23.47
CA TYR A 416 22.70 0.11 22.83
C TYR A 416 21.20 0.00 22.62
N GLU A 417 20.57 1.16 22.54
CA GLU A 417 19.16 1.30 22.23
C GLU A 417 19.02 2.09 20.94
N ALA A 418 17.89 1.91 20.26
CA ALA A 418 17.70 2.55 18.96
C ALA A 418 16.21 2.75 18.72
N ILE A 419 15.91 3.67 17.80
CA ILE A 419 14.54 4.06 17.53
C ILE A 419 14.49 4.71 16.15
N GLY A 420 13.41 4.44 15.41
CA GLY A 420 13.22 5.05 14.11
C GLY A 420 13.87 4.30 12.97
N LEU A 421 14.20 5.01 11.90
CA LEU A 421 14.79 4.40 10.70
C LEU A 421 16.29 4.29 10.91
N VAL A 422 16.74 3.13 11.37
CA VAL A 422 18.16 2.87 11.61
C VAL A 422 18.66 2.01 10.47
N ASP A 423 19.46 2.62 9.58
CA ASP A 423 19.95 1.95 8.39
C ASP A 423 21.32 2.52 8.07
N SER A 424 22.31 1.64 7.94
CA SER A 424 23.67 2.10 7.65
C SER A 424 23.78 2.79 6.30
N SER A 425 22.81 2.57 5.40
CA SER A 425 22.82 3.27 4.11
C SER A 425 22.49 4.75 4.26
N LEU A 426 21.68 5.10 5.26
CA LEU A 426 21.39 6.50 5.50
C LEU A 426 22.64 7.21 5.98
N PRO A 427 22.76 8.51 5.73
CA PRO A 427 23.91 9.27 6.28
C PRO A 427 23.76 9.45 7.77
N THR A 428 24.86 9.23 8.49
CA THR A 428 24.86 9.24 9.95
C THR A 428 25.77 10.36 10.46
N VAL A 429 25.48 10.80 11.69
CA VAL A 429 26.30 11.77 12.40
C VAL A 429 26.44 11.25 13.83
N GLY A 430 27.60 10.69 14.14
CA GLY A 430 27.86 10.12 15.45
C GLY A 430 28.62 11.08 16.34
N VAL A 431 28.18 11.18 17.59
CA VAL A 431 28.80 12.03 18.60
C VAL A 431 29.13 11.15 19.80
N PHE A 432 30.42 11.02 20.09
CA PHE A 432 30.89 10.10 21.12
C PHE A 432 31.74 10.84 22.16
N ALA A 433 31.79 10.28 23.35
CA ALA A 433 32.57 10.84 24.45
C ALA A 433 33.70 9.89 24.83
N TYR A 484 34.88 4.73 21.38
CA TYR A 484 33.44 4.72 21.20
C TYR A 484 32.72 4.13 22.40
N GLY A 485 33.18 4.50 23.61
CA GLY A 485 32.59 3.96 24.82
C GLY A 485 31.21 4.50 25.14
N LYS A 486 30.84 5.63 24.55
CA LYS A 486 29.57 6.28 24.86
C LYS A 486 29.29 7.32 23.79
N GLY A 487 28.09 7.30 23.24
CA GLY A 487 27.74 8.30 22.24
C GLY A 487 26.35 8.06 21.68
N VAL A 488 26.01 8.89 20.70
CA VAL A 488 24.72 8.87 20.03
C VAL A 488 24.95 9.04 18.54
N ILE A 489 24.24 8.25 17.74
CA ILE A 489 24.35 8.28 16.29
C ILE A 489 23.01 8.71 15.72
N PHE A 490 23.01 9.79 14.96
CA PHE A 490 21.80 10.29 14.32
C PHE A 490 21.76 9.81 12.87
N TYR A 491 20.58 9.37 12.45
CA TYR A 491 20.34 8.97 11.07
C TYR A 491 19.44 10.01 10.43
N LEU A 492 19.79 10.43 9.22
CA LEU A 492 19.24 11.63 8.62
C LEU A 492 18.54 11.32 7.30
N ARG A 493 17.52 12.13 7.01
CA ARG A 493 16.82 12.06 5.72
C ARG A 493 16.13 13.40 5.53
N ASP A 494 16.45 14.09 4.45
CA ASP A 494 15.89 15.42 4.19
C ASP A 494 16.25 16.41 5.29
N LYS A 495 17.50 16.34 5.75
CA LYS A 495 18.04 17.23 6.78
C LYS A 495 17.33 17.06 8.12
N VAL A 496 16.68 15.92 8.35
CA VAL A 496 15.92 15.67 9.56
C VAL A 496 16.32 14.34 10.15
N VAL A 497 16.32 14.26 11.48
CA VAL A 497 16.65 13.03 12.19
C VAL A 497 15.47 12.09 12.08
N VAL A 498 15.68 10.93 11.47
CA VAL A 498 14.65 9.90 11.36
C VAL A 498 14.96 8.68 12.22
N GLY A 499 16.19 8.54 12.70
CA GLY A 499 16.55 7.41 13.53
C GLY A 499 17.70 7.78 14.45
N ILE A 500 17.72 7.15 15.62
CA ILE A 500 18.76 7.40 16.62
C ILE A 500 19.22 6.06 17.18
N VAL A 501 20.51 5.96 17.45
CA VAL A 501 21.09 4.81 18.14
C VAL A 501 21.84 5.34 19.35
N LEU A 502 21.42 4.93 20.53
CA LEU A 502 22.07 5.32 21.78
C LEU A 502 23.08 4.25 22.16
N TRP A 503 24.36 4.62 22.16
CA TRP A 503 25.45 3.69 22.39
C TRP A 503 25.92 3.81 23.83
N ASN A 504 25.59 2.81 24.65
CA ASN A 504 25.91 2.81 26.08
C ASN A 504 25.32 4.04 26.77
N ILE A 505 24.17 4.50 26.30
CA ILE A 505 23.42 5.57 26.96
C ILE A 505 22.01 5.05 27.21
N PHE A 506 21.59 5.06 28.46
CA PHE A 506 20.33 4.44 28.87
C PHE A 506 19.44 5.48 29.57
N ASN A 507 18.17 5.10 29.72
CA ASN A 507 17.16 5.93 30.39
C ASN A 507 16.98 7.28 29.71
N ARG A 508 17.17 7.33 28.39
CA ARG A 508 16.96 8.56 27.64
C ARG A 508 16.21 8.30 26.33
N MET A 509 15.52 7.18 26.22
CA MET A 509 14.76 6.91 25.00
C MET A 509 13.66 7.94 24.75
N PRO A 510 12.91 8.40 25.77
CA PRO A 510 11.91 9.45 25.50
C PRO A 510 12.49 10.66 24.80
N ILE A 511 13.73 11.03 25.11
CA ILE A 511 14.36 12.17 24.46
C ILE A 511 14.59 11.86 22.97
N ALA A 512 15.07 10.66 22.67
CA ALA A 512 15.24 10.26 21.28
C ALA A 512 13.90 10.22 20.56
N ARG A 513 12.86 9.69 21.23
CA ARG A 513 11.55 9.64 20.61
C ARG A 513 11.02 11.03 20.30
N LYS A 514 11.37 12.02 21.13
CA LYS A 514 10.88 13.38 20.90
C LYS A 514 11.62 14.07 19.77
N ILE A 515 12.93 13.85 19.65
CA ILE A 515 13.69 14.47 18.57
C ILE A 515 13.14 14.02 17.22
N ILE A 516 12.85 12.72 17.08
CA ILE A 516 12.33 12.21 15.82
C ILE A 516 10.92 12.74 15.57
N LYS A 517 10.08 12.76 16.61
CA LYS A 517 8.72 13.24 16.46
C LYS A 517 8.69 14.69 15.98
N ASP A 518 9.39 15.58 16.70
CA ASP A 518 9.33 17.00 16.38
C ASP A 518 9.80 17.29 14.96
N GLY A 519 10.66 16.45 14.40
CA GLY A 519 11.12 16.64 13.04
C GLY A 519 11.80 17.97 12.80
N GLU A 520 12.52 18.49 13.77
CA GLU A 520 13.25 19.74 13.58
C GLU A 520 14.41 19.54 12.61
N GLN A 521 14.80 20.62 11.94
CA GLN A 521 15.99 20.66 11.10
C GLN A 521 17.09 21.29 11.94
N HIS A 522 17.87 20.46 12.61
CA HIS A 522 18.84 20.93 13.60
C HIS A 522 20.06 21.53 12.93
N GLU A 523 20.47 22.72 13.38
CA GLU A 523 21.65 23.37 12.84
C GLU A 523 22.92 22.74 13.37
N ASP A 524 22.92 22.35 14.65
CA ASP A 524 24.10 21.76 15.30
C ASP A 524 23.65 20.53 16.09
N LEU A 525 24.03 19.34 15.59
CA LEU A 525 23.67 18.11 16.28
C LEU A 525 24.49 17.90 17.55
N ASN A 526 25.62 18.58 17.70
CA ASN A 526 26.37 18.49 18.95
C ASN A 526 25.57 19.05 20.12
N GLU A 527 24.81 20.12 19.88
CA GLU A 527 23.91 20.62 20.91
C GLU A 527 22.81 19.61 21.22
N VAL A 528 22.34 18.91 20.19
CA VAL A 528 21.35 17.86 20.43
C VAL A 528 21.97 16.71 21.20
N ALA A 529 23.27 16.46 20.99
CA ALA A 529 23.94 15.39 21.72
C ALA A 529 24.03 15.70 23.20
N LYS A 530 24.00 16.98 23.58
CA LYS A 530 24.01 17.34 24.99
C LYS A 530 22.74 16.88 25.69
N LEU A 531 21.63 16.76 24.95
CA LEU A 531 20.41 16.22 25.54
C LEU A 531 20.59 14.78 26.00
N PHE A 532 21.59 14.07 25.48
CA PHE A 532 21.93 12.74 25.93
C PHE A 532 23.16 12.73 26.83
N ASN A 533 23.51 13.88 27.38
CA ASN A 533 24.62 14.01 28.32
C ASN A 533 25.97 13.69 27.66
N ILE A 534 26.16 14.20 26.44
CA ILE A 534 27.40 14.05 25.71
C ILE A 534 28.03 15.43 25.54
N HIS A 535 29.19 15.62 26.16
CA HIS A 535 29.89 16.90 26.12
C HIS A 535 31.36 16.71 25.76
N VAL A 540 32.82 13.70 17.00
CA VAL A 540 31.87 13.92 15.92
C VAL A 540 32.35 13.19 14.66
N LEU A 541 31.47 12.38 14.08
CA LEU A 541 31.84 11.51 12.97
C LEU A 541 30.76 11.53 11.90
N PHE A 542 31.19 11.60 10.65
CA PHE A 542 30.30 11.60 9.49
C PHE A 542 30.61 10.39 8.61
N GLN A 543 29.56 9.73 8.15
CA GLN A 543 29.71 8.56 7.29
C GLN A 543 28.63 8.52 6.21
N PRO B 53 -22.89 23.80 6.94
CA PRO B 53 -23.20 23.22 8.26
C PRO B 53 -21.94 22.94 9.07
N SER B 54 -22.06 22.90 10.40
CA SER B 54 -20.89 22.64 11.23
C SER B 54 -20.60 21.14 11.35
N HIS B 55 -21.63 20.29 11.25
CA HIS B 55 -21.46 18.85 11.32
C HIS B 55 -22.43 18.18 10.36
N VAL B 56 -21.96 17.13 9.68
CA VAL B 56 -22.78 16.34 8.78
C VAL B 56 -22.40 14.88 8.93
N PRO B 57 -23.36 13.94 8.95
CA PRO B 57 -22.97 12.53 9.07
C PRO B 57 -22.07 12.04 7.94
N PHE B 58 -22.48 12.25 6.70
CA PHE B 58 -21.73 11.81 5.53
C PHE B 58 -21.23 13.02 4.77
N LEU B 59 -19.91 13.10 4.55
CA LEU B 59 -19.28 14.21 3.85
C LEU B 59 -18.56 13.66 2.63
N LEU B 60 -19.02 14.04 1.45
CA LEU B 60 -18.38 13.65 0.19
C LEU B 60 -17.60 14.84 -0.36
N ILE B 61 -16.29 14.67 -0.51
CA ILE B 61 -15.41 15.74 -0.98
C ILE B 61 -15.30 15.62 -2.49
N GLY B 62 -15.82 16.62 -3.21
CA GLY B 62 -15.85 16.60 -4.65
C GLY B 62 -17.23 16.28 -5.17
N GLY B 63 -17.66 16.98 -6.23
CA GLY B 63 -19.02 16.84 -6.72
C GLY B 63 -19.11 16.24 -8.11
N GLY B 64 -18.44 15.11 -8.32
CA GLY B 64 -18.43 14.47 -9.62
C GLY B 64 -19.23 13.18 -9.65
N THR B 65 -18.83 12.26 -10.54
CA THR B 65 -19.58 11.04 -10.74
C THR B 65 -19.48 10.11 -9.54
N ALA B 66 -18.27 9.93 -9.00
CA ALA B 66 -18.11 9.05 -7.85
C ALA B 66 -18.88 9.57 -6.64
N ALA B 67 -18.84 10.88 -6.41
CA ALA B 67 -19.55 11.45 -5.28
C ALA B 67 -21.05 11.25 -5.39
N PHE B 68 -21.62 11.50 -6.57
CA PHE B 68 -23.06 11.34 -6.72
C PHE B 68 -23.48 9.89 -6.57
N ALA B 69 -22.72 8.96 -7.16
CA ALA B 69 -23.04 7.55 -7.02
C ALA B 69 -23.01 7.13 -5.56
N ALA B 70 -22.11 7.71 -4.77
CA ALA B 70 -22.04 7.37 -3.35
C ALA B 70 -23.24 7.91 -2.60
N ALA B 71 -23.65 9.15 -2.90
CA ALA B 71 -24.81 9.73 -2.22
C ALA B 71 -26.06 8.90 -2.48
N ARG B 72 -26.30 8.53 -3.74
CA ARG B 72 -27.44 7.69 -4.07
C ARG B 72 -27.33 6.34 -3.36
N SER B 73 -26.11 5.82 -3.22
CA SER B 73 -25.93 4.54 -2.56
C SER B 73 -26.15 4.65 -1.05
N ILE B 74 -25.65 5.73 -0.43
CA ILE B 74 -25.85 5.93 1.00
C ILE B 74 -27.34 6.10 1.30
N ARG B 75 -28.03 6.92 0.49
CA ARG B 75 -29.45 7.16 0.72
C ARG B 75 -30.28 5.90 0.48
N ALA B 76 -29.80 5.00 -0.37
CA ALA B 76 -30.55 3.78 -0.65
C ALA B 76 -30.50 2.81 0.53
N ARG B 77 -29.36 2.77 1.22
CA ARG B 77 -29.20 1.86 2.36
C ARG B 77 -29.58 2.52 3.68
N ASP B 78 -29.48 3.85 3.74
CA ASP B 78 -29.83 4.62 4.94
C ASP B 78 -30.85 5.66 4.51
N PRO B 79 -32.12 5.26 4.36
CA PRO B 79 -33.13 6.17 3.80
C PRO B 79 -33.21 7.54 4.46
N GLY B 80 -32.74 7.66 5.69
CA GLY B 80 -32.75 8.91 6.41
C GLY B 80 -31.43 9.66 6.39
N ALA B 81 -30.44 9.17 5.63
CA ALA B 81 -29.11 9.75 5.68
C ALA B 81 -29.09 11.21 5.26
N ARG B 82 -28.12 11.94 5.78
CA ARG B 82 -27.89 13.35 5.47
C ARG B 82 -26.49 13.44 4.87
N VAL B 83 -26.43 13.74 3.57
CA VAL B 83 -25.20 13.68 2.80
C VAL B 83 -24.88 15.07 2.29
N LEU B 84 -23.68 15.56 2.58
CA LEU B 84 -23.22 16.86 2.12
C LEU B 84 -22.09 16.65 1.12
N ILE B 85 -22.31 17.08 -0.12
CA ILE B 85 -21.26 17.11 -1.14
C ILE B 85 -20.65 18.50 -1.13
N VAL B 86 -19.32 18.54 -1.14
CA VAL B 86 -18.57 19.79 -1.22
C VAL B 86 -17.83 19.80 -2.54
N SER B 87 -18.17 20.75 -3.41
CA SER B 87 -17.66 20.79 -4.78
C SER B 87 -17.05 22.16 -5.04
N GLU B 88 -15.77 22.17 -5.43
CA GLU B 88 -15.12 23.42 -5.79
C GLU B 88 -15.69 23.99 -7.09
N ASP B 89 -16.27 23.15 -7.94
CA ASP B 89 -16.92 23.65 -9.15
C ASP B 89 -18.23 24.34 -8.79
N PRO B 90 -18.66 25.32 -9.59
CA PRO B 90 -19.96 25.96 -9.35
C PRO B 90 -21.15 25.12 -9.80
N GLU B 91 -20.90 24.03 -10.52
CA GLU B 91 -21.94 23.20 -11.10
C GLU B 91 -22.36 22.11 -10.12
N LEU B 92 -23.61 21.67 -10.24
CA LEU B 92 -24.06 20.47 -9.56
C LEU B 92 -23.49 19.25 -10.27
N PRO B 93 -23.46 18.09 -9.58
CA PRO B 93 -22.85 16.89 -10.18
C PRO B 93 -23.35 16.60 -11.59
N TYR B 94 -22.42 16.51 -12.54
CA TYR B 94 -22.75 16.19 -13.92
C TYR B 94 -21.75 15.17 -14.46
N MET B 95 -22.17 14.48 -15.53
CA MET B 95 -21.34 13.49 -16.18
C MET B 95 -20.49 14.15 -17.27
N ARG B 96 -19.28 13.62 -17.45
CA ARG B 96 -18.31 14.19 -18.38
C ARG B 96 -18.46 13.67 -19.80
N PRO B 97 -18.74 12.39 -20.02
CA PRO B 97 -18.61 11.80 -21.36
C PRO B 97 -19.30 12.61 -22.44
N PRO B 98 -20.50 13.13 -22.20
CA PRO B 98 -21.16 13.93 -23.26
C PRO B 98 -20.35 15.16 -23.65
N LEU B 99 -19.45 15.64 -22.79
CA LEU B 99 -18.68 16.84 -23.10
C LEU B 99 -17.77 16.66 -24.31
N SER B 100 -17.39 15.42 -24.62
CA SER B 100 -16.52 15.14 -25.76
C SER B 100 -17.22 14.32 -26.84
N LYS B 101 -18.53 14.12 -26.75
CA LYS B 101 -19.23 13.28 -27.71
C LYS B 101 -20.60 13.84 -28.06
N GLU B 102 -21.63 13.45 -27.31
CA GLU B 102 -23.01 13.72 -27.74
C GLU B 102 -23.29 15.21 -27.86
N LEU B 103 -22.69 16.04 -27.00
CA LEU B 103 -22.96 17.47 -27.05
C LEU B 103 -22.42 18.13 -28.31
N TRP B 104 -21.47 17.49 -29.00
CA TRP B 104 -20.94 18.04 -30.25
C TRP B 104 -21.71 17.56 -31.48
N PHE B 105 -22.58 16.55 -31.34
CA PHE B 105 -23.37 16.04 -32.45
C PHE B 105 -24.85 16.42 -32.31
N SER B 106 -25.16 17.41 -31.50
CA SER B 106 -26.54 17.82 -31.30
C SER B 106 -27.01 18.74 -32.42
N ASP B 107 -28.27 18.56 -32.85
CA ASP B 107 -28.85 19.43 -33.86
C ASP B 107 -29.29 20.77 -33.27
N ASP B 108 -29.45 20.86 -31.96
CA ASP B 108 -29.89 22.09 -31.32
C ASP B 108 -28.74 23.09 -31.24
N PRO B 109 -28.88 24.31 -31.78
CA PRO B 109 -27.82 25.31 -31.60
C PRO B 109 -27.74 25.86 -30.19
N ASN B 110 -28.73 25.62 -29.35
CA ASN B 110 -28.70 26.03 -27.95
C ASN B 110 -28.10 24.97 -27.03
N VAL B 111 -27.46 23.94 -27.59
CA VAL B 111 -26.91 22.87 -26.77
C VAL B 111 -25.91 23.42 -25.76
N THR B 112 -25.19 24.49 -26.13
CA THR B 112 -24.25 25.11 -25.20
C THR B 112 -24.96 25.65 -23.98
N LYS B 113 -26.23 26.04 -24.11
CA LYS B 113 -27.00 26.54 -22.98
C LYS B 113 -27.80 25.45 -22.29
N THR B 114 -28.45 24.58 -23.07
CA THR B 114 -29.31 23.56 -22.49
C THR B 114 -28.53 22.39 -21.90
N LEU B 115 -27.37 22.07 -22.46
CA LEU B 115 -26.56 20.94 -22.00
C LEU B 115 -27.36 19.65 -22.01
N ARG B 116 -28.19 19.47 -23.04
CA ARG B 116 -28.97 18.26 -23.22
C ARG B 116 -28.55 17.56 -24.51
N PHE B 117 -28.78 16.25 -24.57
CA PHE B 117 -28.33 15.46 -25.69
C PHE B 117 -29.22 14.23 -25.83
N LYS B 118 -29.30 13.69 -27.04
CA LYS B 118 -30.00 12.45 -27.30
C LYS B 118 -29.05 11.28 -27.09
N GLN B 119 -29.50 10.30 -26.31
CA GLN B 119 -28.67 9.14 -25.99
C GLN B 119 -28.71 8.14 -27.15
N ALA B 120 -28.02 7.01 -26.96
CA ALA B 120 -28.08 5.94 -27.94
C ALA B 120 -29.51 5.42 -28.09
N ASN B 121 -30.23 5.29 -26.97
CA ASN B 121 -31.63 4.89 -27.02
C ASN B 121 -32.51 5.93 -27.70
N GLY B 122 -32.00 7.12 -27.97
CA GLY B 122 -32.75 8.17 -28.62
C GLY B 122 -33.41 9.15 -27.67
N LYS B 123 -33.64 8.75 -26.42
CA LYS B 123 -34.28 9.62 -25.45
C LYS B 123 -33.36 10.78 -25.09
N GLU B 124 -33.93 11.98 -25.00
CA GLU B 124 -33.17 13.16 -24.61
C GLU B 124 -32.90 13.13 -23.12
N ARG B 125 -31.76 13.70 -22.73
CA ARG B 125 -31.35 13.68 -21.34
C ARG B 125 -30.48 14.90 -21.06
N SER B 126 -30.40 15.26 -19.79
CA SER B 126 -29.53 16.34 -19.36
C SER B 126 -28.17 15.79 -18.94
N ILE B 127 -27.16 16.66 -18.95
CA ILE B 127 -25.83 16.25 -18.53
C ILE B 127 -25.75 16.08 -17.02
N TYR B 128 -26.63 16.76 -16.27
CA TYR B 128 -26.65 16.64 -14.82
C TYR B 128 -27.32 15.33 -14.40
N PHE B 129 -26.86 14.79 -13.27
CA PHE B 129 -27.42 13.53 -12.77
C PHE B 129 -28.85 13.70 -12.28
N GLN B 130 -29.14 14.81 -11.62
CA GLN B 130 -30.46 15.12 -11.09
C GLN B 130 -30.75 16.60 -11.26
N PRO B 131 -32.03 16.98 -11.30
CA PRO B 131 -32.36 18.40 -11.33
C PRO B 131 -32.07 19.03 -9.97
N PRO B 132 -31.87 20.34 -9.92
CA PRO B 132 -31.57 20.97 -8.62
C PRO B 132 -32.60 20.69 -7.55
N SER B 133 -33.87 20.51 -7.93
CA SER B 133 -34.92 20.31 -6.94
C SER B 133 -34.75 19.02 -6.15
N PHE B 134 -34.05 18.02 -6.70
CA PHE B 134 -33.86 16.76 -5.99
C PHE B 134 -32.91 16.91 -4.81
N TYR B 135 -32.07 17.94 -4.82
CA TYR B 135 -31.16 18.19 -3.71
C TYR B 135 -31.83 19.10 -2.70
N VAL B 136 -31.34 19.05 -1.47
CA VAL B 136 -31.73 20.00 -0.44
C VAL B 136 -30.59 21.00 -0.28
N SER B 137 -30.86 22.09 0.44
CA SER B 137 -29.85 23.11 0.68
C SER B 137 -29.03 22.73 1.92
N ALA B 138 -27.75 23.10 1.88
CA ALA B 138 -26.88 22.82 3.01
C ALA B 138 -27.44 23.41 4.30
N GLN B 139 -28.15 24.52 4.21
CA GLN B 139 -28.74 25.13 5.39
C GLN B 139 -29.79 24.21 6.01
N ASP B 140 -30.58 23.54 5.17
CA ASP B 140 -31.66 22.68 5.64
C ASP B 140 -31.23 21.23 5.89
N LEU B 141 -30.05 20.84 5.43
CA LEU B 141 -29.62 19.45 5.57
C LEU B 141 -29.71 18.95 7.01
N PRO B 142 -29.35 19.72 8.04
CA PRO B 142 -29.45 19.21 9.41
C PRO B 142 -30.87 19.20 9.98
N HIS B 143 -31.85 19.79 9.30
CA HIS B 143 -33.21 19.88 9.82
C HIS B 143 -34.25 19.12 9.00
N ILE B 144 -34.08 19.06 7.68
CA ILE B 144 -35.11 18.49 6.82
C ILE B 144 -35.48 17.08 7.29
N GLU B 145 -36.78 16.78 7.26
CA GLU B 145 -37.26 15.47 7.65
C GLU B 145 -36.75 14.42 6.68
N ASN B 146 -36.30 13.29 7.23
CA ASN B 146 -35.76 12.18 6.44
C ASN B 146 -34.52 12.60 5.64
N GLY B 147 -33.83 13.64 6.08
CA GLY B 147 -32.56 14.03 5.51
C GLY B 147 -32.63 14.28 4.02
N GLY B 148 -31.50 14.07 3.35
CA GLY B 148 -31.40 14.31 1.92
C GLY B 148 -29.94 14.41 1.50
N VAL B 149 -29.74 14.96 0.31
CA VAL B 149 -28.41 15.20 -0.23
C VAL B 149 -28.30 16.68 -0.58
N ALA B 150 -27.31 17.35 0.00
CA ALA B 150 -27.02 18.74 -0.28
C ALA B 150 -25.67 18.87 -0.95
N VAL B 151 -25.53 19.87 -1.82
CA VAL B 151 -24.29 20.17 -2.52
C VAL B 151 -23.89 21.59 -2.20
N LEU B 152 -22.66 21.77 -1.72
CA LEU B 152 -22.09 23.08 -1.40
C LEU B 152 -21.16 23.45 -2.54
N THR B 153 -21.71 24.10 -3.56
CA THR B 153 -20.94 24.44 -4.74
C THR B 153 -20.02 25.64 -4.47
N GLY B 154 -18.98 25.75 -5.30
CA GLY B 154 -18.05 26.86 -5.17
C GLY B 154 -17.27 26.88 -3.89
N LYS B 155 -17.05 25.70 -3.28
CA LYS B 155 -16.28 25.59 -2.05
C LYS B 155 -15.30 24.44 -2.20
N LYS B 156 -14.04 24.67 -1.82
CA LYS B 156 -12.97 23.69 -1.93
C LYS B 156 -12.48 23.30 -0.55
N VAL B 157 -12.40 22.00 -0.29
CA VAL B 157 -11.74 21.49 0.90
C VAL B 157 -10.24 21.64 0.72
N VAL B 158 -9.61 22.39 1.61
CA VAL B 158 -8.18 22.68 1.51
C VAL B 158 -7.36 22.02 2.62
N GLN B 159 -8.00 21.48 3.65
CA GLN B 159 -7.30 20.84 4.74
C GLN B 159 -8.17 19.74 5.31
N LEU B 160 -7.55 18.63 5.69
CA LEU B 160 -8.25 17.45 6.19
C LEU B 160 -7.57 17.00 7.47
N ASP B 161 -8.30 17.09 8.58
CA ASP B 161 -7.79 16.67 9.89
C ASP B 161 -8.42 15.31 10.20
N VAL B 162 -7.68 14.25 9.86
CA VAL B 162 -8.19 12.90 10.09
C VAL B 162 -8.37 12.66 11.57
N ARG B 163 -7.51 13.24 12.40
CA ARG B 163 -7.57 13.00 13.84
C ARG B 163 -8.89 13.49 14.42
N ASP B 164 -9.34 14.67 13.98
CA ASP B 164 -10.56 15.28 14.51
C ASP B 164 -11.75 15.13 13.57
N ASN B 165 -11.63 14.30 12.53
CA ASN B 165 -12.71 14.10 11.55
C ASN B 165 -13.28 15.44 11.09
N MET B 166 -12.38 16.32 10.63
CA MET B 166 -12.76 17.68 10.29
C MET B 166 -12.09 18.07 8.98
N VAL B 167 -12.75 18.97 8.25
CA VAL B 167 -12.20 19.57 7.04
C VAL B 167 -12.30 21.08 7.19
N LYS B 168 -11.42 21.78 6.47
CA LYS B 168 -11.43 23.24 6.41
C LYS B 168 -11.61 23.65 4.96
N LEU B 169 -12.56 24.55 4.71
CA LEU B 169 -12.83 25.04 3.38
C LEU B 169 -11.98 26.27 3.08
N ASN B 170 -11.92 26.63 1.80
CA ASN B 170 -11.12 27.77 1.39
C ASN B 170 -11.57 29.07 2.04
N ASP B 171 -12.80 29.13 2.56
CA ASP B 171 -13.32 30.32 3.21
C ASP B 171 -13.18 30.27 4.73
N GLY B 172 -12.38 29.35 5.26
CA GLY B 172 -12.13 29.26 6.68
C GLY B 172 -13.12 28.43 7.46
N SER B 173 -14.31 28.18 6.93
CA SER B 173 -15.30 27.39 7.66
C SER B 173 -14.78 25.97 7.88
N GLN B 174 -15.25 25.35 8.95
CA GLN B 174 -14.84 24.01 9.36
C GLN B 174 -16.06 23.12 9.49
N ILE B 175 -15.94 21.88 8.99
CA ILE B 175 -17.03 20.91 9.00
C ILE B 175 -16.50 19.60 9.56
N THR B 176 -17.13 19.11 10.61
CA THR B 176 -16.84 17.78 11.13
C THR B 176 -17.77 16.76 10.48
N TYR B 177 -17.32 15.50 10.48
CA TYR B 177 -18.06 14.43 9.84
C TYR B 177 -17.95 13.16 10.67
N GLU B 178 -18.81 12.20 10.35
CA GLU B 178 -18.75 10.85 10.89
C GLU B 178 -18.19 9.86 9.87
N LYS B 179 -18.60 9.97 8.61
CA LYS B 179 -18.06 9.18 7.52
C LYS B 179 -17.71 10.14 6.39
N CSX B 180 -16.62 9.86 5.68
CA CSX B 180 -16.14 10.76 4.66
CB CSX B 180 -15.10 11.69 5.28
SG CSX B 180 -14.20 12.70 4.15
C CSX B 180 -15.56 10.09 3.44
O CSX B 180 -14.77 9.14 3.48
OD CSX B 180 -13.16 11.80 3.56
H CSX B 180 -16.13 8.99 5.64
HA CSX B 180 -17.01 11.38 4.26
HB2 CSX B 180 -14.37 11.09 5.86
HB3 CSX B 180 -15.60 12.38 6.01
HG CSX B 180 -15.10 12.81 3.23
N LEU B 181 -15.99 10.59 2.28
CA LEU B 181 -15.52 10.08 0.99
C LEU B 181 -14.69 11.12 0.27
N ILE B 182 -13.48 10.75 -0.13
CA ILE B 182 -12.65 11.58 -1.00
C ILE B 182 -12.92 11.15 -2.44
N ALA B 183 -13.52 12.05 -3.21
CA ALA B 183 -13.83 11.80 -4.62
C ALA B 183 -13.41 13.03 -5.43
N THR B 184 -12.13 13.37 -5.33
CA THR B 184 -11.60 14.60 -5.90
C THR B 184 -11.25 14.47 -7.37
N GLY B 185 -11.24 13.27 -7.93
CA GLY B 185 -10.94 13.10 -9.33
C GLY B 185 -9.51 13.51 -9.64
N GLY B 186 -9.33 14.24 -10.74
CA GLY B 186 -8.01 14.64 -11.17
C GLY B 186 -8.04 15.91 -12.00
N THR B 187 -6.84 16.45 -12.23
CA THR B 187 -6.63 17.63 -13.05
C THR B 187 -5.92 17.25 -14.35
N PRO B 188 -6.32 17.79 -15.49
CA PRO B 188 -5.63 17.45 -16.75
C PRO B 188 -4.15 17.83 -16.69
N ARG B 189 -3.32 16.96 -17.26
CA ARG B 189 -1.90 17.26 -17.38
C ARG B 189 -1.66 18.25 -18.51
N SER B 190 -0.53 18.94 -18.42
CA SER B 190 -0.08 19.86 -19.45
C SER B 190 1.28 19.42 -19.97
N LEU B 191 1.58 19.80 -21.21
CA LEU B 191 2.87 19.48 -21.79
C LEU B 191 3.95 20.39 -21.24
N SER B 192 5.17 19.85 -21.15
CA SER B 192 6.30 20.66 -20.71
C SER B 192 6.59 21.79 -21.68
N ALA B 193 6.31 21.59 -22.97
CA ALA B 193 6.56 22.63 -23.95
C ALA B 193 5.60 23.80 -23.78
N ILE B 194 4.35 23.53 -23.41
CA ILE B 194 3.40 24.61 -23.18
C ILE B 194 3.70 25.30 -21.86
N ASP B 195 4.27 24.59 -20.89
CA ASP B 195 4.63 25.22 -19.62
C ASP B 195 5.84 26.12 -19.79
N ARG B 196 6.84 25.69 -20.56
CA ARG B 196 8.04 26.49 -20.78
C ARG B 196 7.81 27.61 -21.79
N ALA B 197 6.65 27.66 -22.43
CA ALA B 197 6.35 28.69 -23.40
C ALA B 197 5.79 29.93 -22.71
N GLY B 198 5.61 30.99 -23.50
CA GLY B 198 5.13 32.25 -22.97
C GLY B 198 3.70 32.15 -22.49
N ALA B 199 3.21 33.27 -21.95
CA ALA B 199 1.82 33.34 -21.51
C ALA B 199 0.86 33.38 -22.68
N GLU B 200 1.30 33.93 -23.82
CA GLU B 200 0.45 33.94 -25.01
C GLU B 200 0.11 32.53 -25.46
N VAL B 201 1.06 31.60 -25.31
CA VAL B 201 0.80 30.22 -25.69
C VAL B 201 -0.16 29.56 -24.70
N LYS B 202 0.09 29.74 -23.40
CA LYS B 202 -0.78 29.13 -22.39
C LYS B 202 -2.20 29.66 -22.49
N SER B 203 -2.37 30.91 -22.91
CA SER B 203 -3.71 31.47 -23.06
C SER B 203 -4.44 30.90 -24.26
N ARG B 204 -3.71 30.37 -25.24
CA ARG B 204 -4.27 29.79 -26.45
C ARG B 204 -4.14 28.27 -26.43
N THR B 205 -4.27 27.68 -25.24
CA THR B 205 -4.22 26.24 -25.06
C THR B 205 -5.33 25.83 -24.11
N THR B 206 -6.11 24.81 -24.49
CA THR B 206 -7.27 24.39 -23.73
C THR B 206 -7.00 23.05 -23.06
N LEU B 207 -7.31 22.97 -21.77
CA LEU B 207 -7.31 21.71 -21.03
C LEU B 207 -8.77 21.30 -20.85
N PHE B 208 -9.19 20.29 -21.60
CA PHE B 208 -10.59 19.93 -21.70
C PHE B 208 -10.97 18.99 -20.55
N ARG B 209 -11.90 19.42 -19.71
CA ARG B 209 -12.33 18.59 -18.59
C ARG B 209 -13.75 18.94 -18.15
N LYS B 210 -14.04 20.22 -17.94
CA LYS B 210 -15.28 20.67 -17.32
C LYS B 210 -16.22 21.27 -18.35
N ILE B 211 -17.42 21.62 -17.90
CA ILE B 211 -18.40 22.25 -18.78
C ILE B 211 -17.85 23.54 -19.37
N GLY B 212 -17.10 24.30 -18.57
CA GLY B 212 -16.53 25.54 -19.07
C GLY B 212 -15.60 25.31 -20.24
N ASP B 213 -14.87 24.20 -20.22
CA ASP B 213 -13.96 23.88 -21.32
C ASP B 213 -14.73 23.53 -22.59
N PHE B 214 -15.89 22.89 -22.46
CA PHE B 214 -16.71 22.57 -23.63
C PHE B 214 -17.28 23.83 -24.26
N ARG B 215 -17.75 24.78 -23.44
CA ARG B 215 -18.28 26.02 -23.98
C ARG B 215 -17.16 26.88 -24.57
N SER B 216 -15.99 26.88 -23.94
CA SER B 216 -14.87 27.68 -24.43
C SER B 216 -14.38 27.16 -25.78
N LEU B 217 -14.21 25.83 -25.89
CA LEU B 217 -13.68 25.27 -27.12
C LEU B 217 -14.71 25.26 -28.23
N GLU B 218 -15.99 25.14 -27.89
CA GLU B 218 -17.03 25.21 -28.92
C GLU B 218 -17.09 26.61 -29.53
N LYS B 219 -16.93 27.64 -28.70
CA LYS B 219 -16.87 29.00 -29.21
C LYS B 219 -15.62 29.21 -30.05
N ILE B 220 -14.50 28.62 -29.65
CA ILE B 220 -13.25 28.77 -30.41
C ILE B 220 -13.41 28.15 -31.80
N SER B 221 -13.99 26.95 -31.87
CA SER B 221 -14.15 26.29 -33.16
C SER B 221 -14.98 27.13 -34.13
N ARG B 222 -15.80 28.04 -33.63
CA ARG B 222 -16.59 28.93 -34.46
C ARG B 222 -15.91 30.27 -34.72
N GLU B 223 -14.67 30.44 -34.24
CA GLU B 223 -13.96 31.71 -34.37
C GLU B 223 -12.68 31.58 -35.17
N VAL B 224 -11.84 30.58 -34.87
CA VAL B 224 -10.59 30.37 -35.57
C VAL B 224 -10.82 29.36 -36.68
N LYS B 225 -9.79 29.16 -37.51
CA LYS B 225 -9.87 28.25 -38.65
C LYS B 225 -9.05 26.98 -38.50
N SER B 226 -8.16 26.90 -37.52
CA SER B 226 -7.31 25.73 -37.34
C SER B 226 -7.12 25.46 -35.86
N ILE B 227 -7.50 24.27 -35.42
CA ILE B 227 -7.28 23.81 -34.05
C ILE B 227 -6.44 22.54 -34.12
N THR B 228 -5.42 22.47 -33.27
CA THR B 228 -4.52 21.32 -33.20
C THR B 228 -4.70 20.63 -31.86
N ILE B 229 -5.04 19.35 -31.88
CA ILE B 229 -5.15 18.54 -30.68
C ILE B 229 -3.84 17.79 -30.47
N ILE B 230 -3.30 17.89 -29.25
CA ILE B 230 -2.07 17.20 -28.88
C ILE B 230 -2.45 16.09 -27.92
N GLY B 231 -2.31 14.84 -28.36
CA GLY B 231 -2.73 13.69 -27.59
C GLY B 231 -3.56 12.73 -28.41
N GLY B 232 -3.17 11.45 -28.41
CA GLY B 232 -3.83 10.45 -29.23
C GLY B 232 -4.73 9.48 -28.49
N GLY B 233 -5.05 9.74 -27.23
CA GLY B 233 -5.88 8.85 -26.46
C GLY B 233 -7.36 9.05 -26.69
N PHE B 234 -8.14 8.62 -25.70
CA PHE B 234 -9.60 8.74 -25.80
C PHE B 234 -10.01 10.20 -26.03
N LEU B 235 -9.57 11.09 -25.14
CA LEU B 235 -10.01 12.48 -25.21
C LEU B 235 -9.58 13.14 -26.52
N GLY B 236 -8.31 12.98 -26.89
CA GLY B 236 -7.82 13.59 -28.12
C GLY B 236 -8.56 13.08 -29.35
N SER B 237 -8.76 11.76 -29.43
CA SER B 237 -9.38 11.19 -30.63
C SER B 237 -10.86 11.55 -30.69
N GLU B 238 -11.54 11.61 -29.54
CA GLU B 238 -12.96 11.96 -29.54
C GLU B 238 -13.16 13.43 -29.88
N LEU B 239 -12.30 14.31 -29.36
CA LEU B 239 -12.39 15.72 -29.71
C LEU B 239 -12.07 15.96 -31.18
N ALA B 240 -11.16 15.17 -31.75
CA ALA B 240 -10.84 15.32 -33.17
C ALA B 240 -12.05 14.99 -34.03
N CYS B 241 -12.75 13.91 -33.72
CA CYS B 241 -13.96 13.57 -34.47
C CYS B 241 -15.03 14.64 -34.28
N ALA B 242 -15.14 15.19 -33.07
CA ALA B 242 -16.14 16.22 -32.82
C ALA B 242 -15.82 17.49 -33.60
N LEU B 243 -14.62 18.03 -33.43
CA LEU B 243 -14.22 19.23 -34.17
C LEU B 243 -14.20 18.97 -35.67
N GLY B 244 -13.91 17.73 -36.07
CA GLY B 244 -13.94 17.40 -37.49
C GLY B 244 -15.32 17.55 -38.09
N ARG B 245 -16.35 17.09 -37.38
CA ARG B 245 -17.72 17.28 -37.85
C ARG B 245 -18.03 18.76 -37.96
N LYS B 246 -17.72 19.53 -36.91
CA LYS B 246 -17.96 20.97 -36.95
C LYS B 246 -17.14 21.62 -38.06
N ALA B 247 -15.91 21.16 -38.25
CA ALA B 247 -15.03 21.75 -39.27
C ALA B 247 -15.51 21.44 -40.69
N ARG B 248 -16.29 20.38 -40.87
CA ARG B 248 -16.75 20.03 -42.22
C ARG B 248 -17.77 21.03 -42.74
N ALA B 249 -18.61 21.57 -41.85
CA ALA B 249 -19.62 22.53 -42.29
C ALA B 249 -19.03 23.91 -42.51
N LEU B 250 -17.97 24.26 -41.78
CA LEU B 250 -17.33 25.56 -41.92
C LEU B 250 -16.14 25.54 -42.87
N GLY B 251 -15.66 24.36 -43.28
CA GLY B 251 -14.49 24.30 -44.13
C GLY B 251 -13.19 24.56 -43.42
N THR B 252 -13.19 24.49 -42.09
CA THR B 252 -12.01 24.81 -41.30
C THR B 252 -11.13 23.56 -41.16
N GLU B 253 -10.10 23.64 -40.32
CA GLU B 253 -9.09 22.60 -40.20
C GLU B 253 -9.01 22.08 -38.77
N VAL B 254 -8.75 20.79 -38.64
CA VAL B 254 -8.56 20.14 -37.34
C VAL B 254 -7.34 19.22 -37.45
N ILE B 255 -6.29 19.53 -36.69
CA ILE B 255 -5.07 18.75 -36.66
C ILE B 255 -5.01 17.97 -35.35
N GLN B 256 -4.50 16.74 -35.42
CA GLN B 256 -4.27 15.93 -34.23
C GLN B 256 -2.89 15.29 -34.34
N LEU B 257 -2.00 15.63 -33.42
CA LEU B 257 -0.65 15.07 -33.39
C LEU B 257 -0.42 14.38 -32.06
N PHE B 258 0.35 13.30 -32.11
CA PHE B 258 0.68 12.53 -30.91
C PHE B 258 1.91 11.69 -31.19
N PRO B 259 2.61 11.23 -30.15
CA PRO B 259 3.88 10.51 -30.38
C PRO B 259 3.71 9.07 -30.81
N GLU B 260 2.57 8.44 -30.53
CA GLU B 260 2.37 7.04 -30.90
C GLU B 260 2.23 6.91 -32.41
N LYS B 261 2.31 5.66 -32.89
CA LYS B 261 2.13 5.38 -34.31
C LYS B 261 0.68 5.50 -34.75
N GLY B 262 -0.26 5.54 -33.83
CA GLY B 262 -1.67 5.63 -34.19
C GLY B 262 -2.51 6.01 -32.99
N ASN B 263 -3.78 6.29 -33.26
CA ASN B 263 -4.71 6.63 -32.20
C ASN B 263 -4.85 5.47 -31.23
N MET B 264 -4.89 5.80 -29.93
CA MET B 264 -4.95 4.78 -28.87
C MET B 264 -3.84 3.76 -29.03
N GLY B 265 -2.65 4.22 -29.40
CA GLY B 265 -1.52 3.32 -29.54
C GLY B 265 -1.19 2.60 -28.25
N LYS B 266 -1.51 3.20 -27.11
CA LYS B 266 -1.27 2.60 -25.81
C LYS B 266 -2.39 1.66 -25.37
N ILE B 267 -3.52 1.66 -26.06
CA ILE B 267 -4.69 0.87 -25.68
C ILE B 267 -4.94 -0.26 -26.67
N LEU B 268 -4.93 0.03 -27.96
CA LEU B 268 -5.27 -0.95 -28.99
C LEU B 268 -4.01 -1.48 -29.65
N PRO B 269 -4.02 -2.71 -30.15
CA PRO B 269 -2.89 -3.19 -30.95
C PRO B 269 -2.66 -2.30 -32.16
N GLU B 270 -1.48 -2.44 -32.76
CA GLU B 270 -1.07 -1.53 -33.82
C GLU B 270 -2.01 -1.62 -35.03
N TYR B 271 -2.41 -2.84 -35.41
CA TYR B 271 -3.24 -2.99 -36.60
C TYR B 271 -4.60 -2.33 -36.41
N LEU B 272 -5.14 -2.38 -35.19
CA LEU B 272 -6.42 -1.73 -34.93
C LEU B 272 -6.27 -0.23 -34.71
N SER B 273 -5.16 0.18 -34.10
CA SER B 273 -4.88 1.61 -33.96
C SER B 273 -4.71 2.27 -35.33
N ASN B 274 -4.05 1.59 -36.26
CA ASN B 274 -3.87 2.14 -37.60
C ASN B 274 -5.21 2.29 -38.30
N TRP B 275 -6.08 1.28 -38.19
CA TRP B 275 -7.42 1.39 -38.76
C TRP B 275 -8.18 2.54 -38.11
N THR B 276 -8.02 2.73 -36.81
CA THR B 276 -8.68 3.84 -36.13
C THR B 276 -8.20 5.18 -36.66
N MET B 277 -6.90 5.30 -36.94
CA MET B 277 -6.37 6.55 -37.47
C MET B 277 -7.04 6.90 -38.79
N GLU B 278 -7.34 5.90 -39.61
CA GLU B 278 -8.01 6.16 -40.88
C GLU B 278 -9.46 6.57 -40.65
N LYS B 279 -10.13 5.95 -39.67
CA LYS B 279 -11.49 6.36 -39.33
C LYS B 279 -11.53 7.81 -38.89
N VAL B 280 -10.59 8.21 -38.02
CA VAL B 280 -10.53 9.61 -37.59
C VAL B 280 -10.23 10.52 -38.78
N ARG B 281 -9.26 10.13 -39.61
CA ARG B 281 -8.93 10.93 -40.78
C ARG B 281 -10.15 11.11 -41.68
N ARG B 282 -10.94 10.06 -41.86
CA ARG B 282 -12.13 10.17 -42.69
C ARG B 282 -13.21 11.03 -42.06
N GLU B 283 -13.03 11.45 -40.81
CA GLU B 283 -13.90 12.43 -40.17
C GLU B 283 -13.49 13.86 -40.45
N GLY B 284 -12.46 14.08 -41.28
CA GLY B 284 -12.00 15.42 -41.57
C GLY B 284 -10.85 15.91 -40.73
N VAL B 285 -10.03 14.99 -40.21
CA VAL B 285 -8.92 15.34 -39.31
C VAL B 285 -7.61 15.11 -40.04
N LYS B 286 -6.64 15.99 -39.79
CA LYS B 286 -5.27 15.82 -40.27
C LYS B 286 -4.47 15.24 -39.11
N VAL B 287 -4.33 13.92 -39.10
CA VAL B 287 -3.67 13.22 -38.01
C VAL B 287 -2.17 13.15 -38.31
N MET B 288 -1.35 13.48 -37.32
CA MET B 288 0.11 13.51 -37.45
C MET B 288 0.71 12.58 -36.40
N PRO B 289 0.86 11.30 -36.70
CA PRO B 289 1.50 10.38 -35.74
C PRO B 289 3.00 10.60 -35.66
N ASN B 290 3.61 9.92 -34.69
CA ASN B 290 5.06 9.96 -34.50
C ASN B 290 5.53 11.40 -34.29
N ALA B 291 4.73 12.18 -33.59
CA ALA B 291 5.00 13.59 -33.37
C ALA B 291 5.26 13.82 -31.89
N ILE B 292 6.45 14.34 -31.57
CA ILE B 292 6.83 14.69 -30.21
C ILE B 292 7.11 16.19 -30.21
N VAL B 293 6.28 16.94 -29.48
CA VAL B 293 6.46 18.39 -29.43
C VAL B 293 7.78 18.72 -28.77
N GLN B 294 8.60 19.51 -29.46
CA GLN B 294 9.87 19.98 -28.90
C GLN B 294 9.70 21.36 -28.28
N SER B 295 9.04 22.28 -28.99
CA SER B 295 8.75 23.60 -28.47
C SER B 295 7.47 24.11 -29.12
N VAL B 296 6.91 25.17 -28.53
CA VAL B 296 5.73 25.84 -29.07
C VAL B 296 5.92 27.34 -28.84
N GLY B 297 5.63 28.13 -29.87
CA GLY B 297 5.73 29.57 -29.77
C GLY B 297 4.74 30.25 -30.68
N VAL B 298 4.70 31.58 -30.56
CA VAL B 298 3.82 32.41 -31.39
C VAL B 298 4.68 33.10 -32.43
N SER B 299 4.34 32.90 -33.70
CA SER B 299 5.06 33.51 -34.81
C SER B 299 4.04 34.24 -35.69
N SER B 300 4.14 35.57 -35.71
CA SER B 300 3.21 36.40 -36.48
C SER B 300 1.77 36.20 -36.00
N GLY B 301 1.59 36.09 -34.69
CA GLY B 301 0.28 35.87 -34.11
C GLY B 301 -0.25 34.47 -34.25
N LYS B 302 0.43 33.59 -34.99
CA LYS B 302 0.00 32.22 -35.21
C LYS B 302 0.83 31.28 -34.36
N LEU B 303 0.19 30.26 -33.79
CA LEU B 303 0.92 29.27 -33.03
C LEU B 303 1.77 28.41 -33.95
N LEU B 304 3.01 28.15 -33.53
CA LEU B 304 3.96 27.36 -34.30
C LEU B 304 4.49 26.25 -33.39
N ILE B 305 4.13 25.00 -33.72
CA ILE B 305 4.55 23.83 -32.95
C ILE B 305 5.71 23.19 -33.68
N LYS B 306 6.87 23.17 -33.03
CA LYS B 306 8.07 22.55 -33.59
C LYS B 306 8.21 21.14 -33.05
N LEU B 307 8.16 20.16 -33.94
CA LEU B 307 8.29 18.76 -33.57
C LEU B 307 9.74 18.33 -33.55
N LYS B 308 10.04 17.36 -32.70
CA LYS B 308 11.42 16.88 -32.54
C LYS B 308 12.02 16.39 -33.86
N ASP B 309 11.20 15.97 -34.81
CA ASP B 309 11.67 15.38 -36.05
C ASP B 309 11.84 16.40 -37.17
N GLY B 310 11.70 17.69 -36.88
CA GLY B 310 11.91 18.74 -37.85
C GLY B 310 10.65 19.34 -38.42
N ARG B 311 9.52 18.66 -38.31
CA ARG B 311 8.27 19.18 -38.83
C ARG B 311 7.80 20.36 -37.98
N LYS B 312 7.03 21.24 -38.60
CA LYS B 312 6.44 22.40 -37.94
C LYS B 312 4.95 22.46 -38.27
N VAL B 313 4.15 22.90 -37.31
CA VAL B 313 2.71 22.95 -37.45
C VAL B 313 2.24 24.35 -37.09
N GLU B 314 1.60 25.02 -38.05
CA GLU B 314 1.00 26.34 -37.84
C GLU B 314 -0.49 26.17 -37.56
N THR B 315 -0.93 26.70 -36.42
CA THR B 315 -2.32 26.57 -36.02
C THR B 315 -2.72 27.77 -35.17
N ASP B 316 -4.02 27.88 -34.89
CA ASP B 316 -4.57 28.99 -34.15
C ASP B 316 -4.83 28.68 -32.69
N HIS B 317 -5.15 27.42 -32.36
CA HIS B 317 -5.44 27.04 -30.99
C HIS B 317 -4.95 25.61 -30.76
N ILE B 318 -4.58 25.33 -29.52
CA ILE B 318 -4.08 24.02 -29.12
C ILE B 318 -5.01 23.44 -28.05
N VAL B 319 -5.28 22.14 -28.14
CA VAL B 319 -6.01 21.41 -27.12
C VAL B 319 -5.10 20.31 -26.61
N ALA B 320 -4.75 20.38 -25.33
CA ALA B 320 -3.88 19.39 -24.70
C ALA B 320 -4.73 18.30 -24.06
N ALA B 321 -4.64 17.11 -24.60
CA ALA B 321 -5.29 15.91 -24.05
C ALA B 321 -4.21 14.88 -23.78
N VAL B 322 -3.41 15.12 -22.75
CA VAL B 322 -2.20 14.33 -22.50
C VAL B 322 -2.21 13.74 -21.09
N GLY B 323 -3.37 13.30 -20.63
CA GLY B 323 -3.47 12.53 -19.41
C GLY B 323 -4.05 13.34 -18.27
N LEU B 324 -4.09 12.68 -17.10
CA LEU B 324 -4.81 13.19 -15.94
C LEU B 324 -3.95 12.99 -14.69
N GLU B 325 -3.95 14.00 -13.82
CA GLU B 325 -3.26 13.90 -12.54
C GLU B 325 -4.28 13.76 -11.42
N PRO B 326 -4.24 12.71 -10.61
CA PRO B 326 -5.19 12.61 -9.48
C PRO B 326 -4.97 13.74 -8.48
N ASN B 327 -6.08 14.30 -8.01
CA ASN B 327 -6.06 15.42 -7.06
C ASN B 327 -5.81 14.85 -5.67
N VAL B 328 -4.57 14.92 -5.20
CA VAL B 328 -4.19 14.34 -3.91
C VAL B 328 -3.62 15.42 -3.01
N GLU B 329 -4.08 16.66 -3.17
CA GLU B 329 -3.62 17.75 -2.31
C GLU B 329 -3.86 17.41 -0.84
N LEU B 330 -5.02 16.85 -0.53
CA LEU B 330 -5.42 16.64 0.86
C LEU B 330 -4.65 15.51 1.54
N ALA B 331 -3.84 14.75 0.81
CA ALA B 331 -3.08 13.68 1.44
C ALA B 331 -2.05 14.23 2.43
N LYS B 332 -1.42 15.36 2.09
CA LYS B 332 -0.40 15.95 2.94
C LYS B 332 -0.95 16.27 4.33
N THR B 333 -1.90 17.20 4.41
CA THR B 333 -2.46 17.58 5.70
C THR B 333 -3.15 16.41 6.39
N GLY B 334 -3.73 15.49 5.62
CA GLY B 334 -4.47 14.38 6.20
C GLY B 334 -3.62 13.21 6.63
N GLY B 335 -2.32 13.22 6.32
CA GLY B 335 -1.49 12.07 6.61
C GLY B 335 -1.94 10.81 5.90
N LEU B 336 -2.46 10.96 4.68
CA LEU B 336 -2.94 9.83 3.90
C LEU B 336 -1.88 9.35 2.93
N GLU B 337 -1.73 8.04 2.83
CA GLU B 337 -0.73 7.47 1.94
C GLU B 337 -1.17 7.60 0.49
N ILE B 338 -0.25 8.02 -0.37
CA ILE B 338 -0.47 8.03 -1.80
C ILE B 338 0.37 6.91 -2.41
N ASP B 339 -0.03 6.49 -3.61
CA ASP B 339 0.60 5.37 -4.29
C ASP B 339 1.65 5.91 -5.26
N SER B 340 2.90 5.49 -5.08
CA SER B 340 3.98 5.99 -5.92
C SER B 340 3.93 5.40 -7.32
N ASP B 341 3.40 4.18 -7.46
CA ASP B 341 3.40 3.52 -8.75
C ASP B 341 2.25 4.01 -9.64
N PHE B 342 1.03 3.99 -9.13
CA PHE B 342 -0.15 4.37 -9.90
C PHE B 342 -0.66 5.77 -9.59
N GLY B 343 -0.12 6.43 -8.58
CA GLY B 343 -0.65 7.71 -8.16
C GLY B 343 -1.98 7.57 -7.45
N GLY B 344 -2.45 8.64 -6.81
CA GLY B 344 -3.71 8.62 -6.11
C GLY B 344 -3.58 8.15 -4.68
N PHE B 345 -4.70 8.21 -3.97
CA PHE B 345 -4.76 7.74 -2.60
C PHE B 345 -4.72 6.22 -2.56
N ARG B 346 -3.85 5.67 -1.73
CA ARG B 346 -3.74 4.23 -1.58
C ARG B 346 -4.80 3.72 -0.61
N VAL B 347 -5.73 2.91 -1.12
CA VAL B 347 -6.81 2.33 -0.33
C VAL B 347 -6.84 0.83 -0.60
N ASN B 348 -7.57 0.10 0.25
CA ASN B 348 -7.59 -1.35 0.19
C ASN B 348 -8.73 -1.81 -0.73
N ALA B 349 -9.05 -3.10 -0.67
CA ALA B 349 -10.04 -3.67 -1.57
C ALA B 349 -11.42 -3.05 -1.36
N GLU B 350 -11.70 -2.53 -0.17
CA GLU B 350 -12.98 -1.91 0.13
C GLU B 350 -12.96 -0.40 -0.11
N LEU B 351 -11.94 0.11 -0.79
CA LEU B 351 -11.79 1.54 -1.08
C LEU B 351 -11.57 2.36 0.18
N GLN B 352 -11.19 1.74 1.28
CA GLN B 352 -11.03 2.43 2.55
C GLN B 352 -9.59 2.87 2.75
N ALA B 353 -9.41 4.10 3.22
CA ALA B 353 -8.10 4.64 3.57
C ALA B 353 -7.85 4.58 5.07
N ARG B 354 -8.79 5.08 5.87
CA ARG B 354 -8.71 5.05 7.32
C ARG B 354 -10.07 4.65 7.85
N SER B 355 -10.22 4.70 9.18
CA SER B 355 -11.44 4.19 9.81
C SER B 355 -12.69 4.82 9.22
N ASN B 356 -12.66 6.12 8.95
CA ASN B 356 -13.86 6.84 8.52
C ASN B 356 -13.62 7.60 7.22
N ILE B 357 -12.71 7.10 6.37
CA ILE B 357 -12.38 7.78 5.11
C ILE B 357 -12.25 6.74 4.01
N TRP B 358 -13.05 6.87 2.98
CA TRP B 358 -12.93 6.07 1.76
C TRP B 358 -12.53 6.98 0.60
N VAL B 359 -12.08 6.36 -0.49
CA VAL B 359 -11.73 7.07 -1.71
C VAL B 359 -12.28 6.30 -2.90
N ALA B 360 -12.86 7.02 -3.85
CA ALA B 360 -13.45 6.41 -5.03
C ALA B 360 -13.14 7.25 -6.25
N GLY B 361 -13.39 6.68 -7.43
CA GLY B 361 -13.22 7.40 -8.67
C GLY B 361 -11.78 7.40 -9.17
N ASP B 362 -11.49 8.43 -9.97
CA ASP B 362 -10.17 8.51 -10.62
C ASP B 362 -9.03 8.60 -9.61
N ALA B 363 -9.30 9.17 -8.44
CA ALA B 363 -8.25 9.43 -7.45
C ALA B 363 -7.99 8.24 -6.55
N ALA B 364 -8.69 7.12 -6.74
CA ALA B 364 -8.61 5.98 -5.83
C ALA B 364 -7.73 4.90 -6.45
N CYS B 365 -6.55 4.68 -5.86
CA CYS B 365 -5.74 3.52 -6.14
C CYS B 365 -6.12 2.42 -5.14
N PHE B 366 -6.81 1.40 -5.62
CA PHE B 366 -7.39 0.37 -4.77
C PHE B 366 -6.72 -0.98 -5.06
N TYR B 367 -7.03 -1.96 -4.20
CA TYR B 367 -6.53 -3.31 -4.35
C TYR B 367 -7.63 -4.19 -4.92
N ASP B 368 -7.41 -4.70 -6.13
CA ASP B 368 -8.31 -5.66 -6.76
C ASP B 368 -7.84 -7.05 -6.37
N ILE B 369 -8.63 -7.75 -5.54
CA ILE B 369 -8.18 -9.04 -5.02
C ILE B 369 -7.90 -10.04 -6.13
N LYS B 370 -8.46 -9.83 -7.32
CA LYS B 370 -8.24 -10.72 -8.45
C LYS B 370 -7.24 -10.18 -9.46
N LEU B 371 -7.22 -8.88 -9.70
CA LEU B 371 -6.36 -8.28 -10.72
C LEU B 371 -5.16 -7.54 -10.15
N GLY B 372 -5.04 -7.42 -8.83
CA GLY B 372 -3.93 -6.70 -8.23
C GLY B 372 -4.22 -5.23 -8.08
N ARG B 373 -3.27 -4.54 -7.45
CA ARG B 373 -3.43 -3.11 -7.21
C ARG B 373 -3.49 -2.37 -8.54
N ARG B 374 -4.40 -1.39 -8.62
CA ARG B 374 -4.57 -0.63 -9.85
C ARG B 374 -5.31 0.66 -9.53
N ARG B 375 -5.37 1.53 -10.54
CA ARG B 375 -6.15 2.76 -10.46
C ARG B 375 -6.81 2.99 -11.81
N VAL B 376 -8.12 3.18 -11.81
CA VAL B 376 -8.92 3.29 -13.02
C VAL B 376 -9.45 4.71 -13.15
N GLU B 377 -9.59 5.16 -14.40
CA GLU B 377 -10.06 6.51 -14.72
C GLU B 377 -11.20 6.45 -15.72
N HIS B 378 -12.21 5.64 -15.42
CA HIS B 378 -13.35 5.44 -16.30
C HIS B 378 -14.63 5.90 -15.63
N HIS B 379 -15.57 6.37 -16.44
CA HIS B 379 -16.84 6.87 -15.90
C HIS B 379 -17.55 5.80 -15.10
N ASP B 380 -17.75 4.62 -15.69
CA ASP B 380 -18.45 3.55 -14.99
C ASP B 380 -17.70 3.11 -13.74
N HIS B 381 -16.38 3.31 -13.70
CA HIS B 381 -15.64 2.96 -12.51
C HIS B 381 -15.96 3.91 -11.36
N ALA B 382 -16.09 5.20 -11.65
CA ALA B 382 -16.49 6.14 -10.61
C ALA B 382 -17.87 5.79 -10.08
N VAL B 383 -18.77 5.35 -10.95
CA VAL B 383 -20.10 4.93 -10.51
C VAL B 383 -19.99 3.67 -9.65
N VAL B 384 -19.34 2.64 -10.16
CA VAL B 384 -19.23 1.38 -9.44
C VAL B 384 -18.53 1.59 -8.11
N SER B 385 -17.39 2.29 -8.13
CA SER B 385 -16.63 2.48 -6.90
C SER B 385 -17.30 3.49 -5.98
N GLY B 386 -17.89 4.54 -6.55
CA GLY B 386 -18.66 5.46 -5.74
C GLY B 386 -19.83 4.78 -5.06
N ARG B 387 -20.57 3.96 -5.81
CA ARG B 387 -21.64 3.18 -5.23
C ARG B 387 -21.10 2.24 -4.15
N LEU B 388 -19.95 1.61 -4.41
CA LEU B 388 -19.38 0.70 -3.43
C LEU B 388 -18.92 1.43 -2.18
N ALA B 389 -18.30 2.61 -2.35
CA ALA B 389 -17.88 3.39 -1.20
C ALA B 389 -19.08 3.77 -0.33
N GLY B 390 -20.18 4.19 -0.97
CA GLY B 390 -21.37 4.52 -0.20
C GLY B 390 -21.87 3.35 0.62
N GLU B 391 -21.91 2.16 0.03
CA GLU B 391 -22.33 0.98 0.77
C GLU B 391 -21.40 0.69 1.94
N ASN B 392 -20.10 0.79 1.71
CA ASN B 392 -19.14 0.52 2.79
C ASN B 392 -19.20 1.60 3.87
N MET B 393 -19.56 2.84 3.49
CA MET B 393 -19.78 3.88 4.47
C MET B 393 -21.02 3.63 5.32
N THR B 394 -21.84 2.63 4.95
CA THR B 394 -23.00 2.24 5.73
C THR B 394 -22.89 0.78 6.20
N GLY B 395 -21.65 0.30 6.36
CA GLY B 395 -21.40 -0.97 7.01
C GLY B 395 -21.31 -2.19 6.11
N ALA B 396 -21.34 -2.02 4.79
CA ALA B 396 -21.40 -3.18 3.91
C ALA B 396 -20.13 -4.01 3.97
N ALA B 397 -18.98 -3.38 4.17
CA ALA B 397 -17.69 -4.09 4.25
C ALA B 397 -17.48 -5.00 3.05
N LYS B 398 -17.77 -4.47 1.85
CA LYS B 398 -17.70 -5.24 0.61
C LYS B 398 -16.46 -4.84 -0.20
N PRO B 399 -15.74 -5.80 -0.78
CA PRO B 399 -14.60 -5.47 -1.64
C PRO B 399 -15.03 -5.18 -3.06
N TYR B 400 -14.17 -4.44 -3.77
CA TYR B 400 -14.38 -4.20 -5.19
C TYR B 400 -14.40 -5.51 -5.95
N TRP B 401 -15.54 -5.81 -6.57
CA TRP B 401 -15.77 -7.12 -7.19
C TRP B 401 -16.37 -6.97 -8.58
N HIS B 402 -17.49 -6.27 -8.69
CA HIS B 402 -18.12 -6.01 -9.97
C HIS B 402 -17.23 -5.08 -10.79
N GLN B 403 -16.60 -5.61 -11.83
CA GLN B 403 -15.69 -4.82 -12.65
C GLN B 403 -16.45 -3.74 -13.42
N SER B 404 -15.81 -2.59 -13.58
CA SER B 404 -16.36 -1.50 -14.38
C SER B 404 -15.84 -1.60 -15.81
N MET B 405 -16.68 -1.15 -16.74
CA MET B 405 -16.35 -1.11 -18.16
C MET B 405 -16.13 0.34 -18.58
N PHE B 406 -15.49 0.51 -19.74
CA PHE B 406 -15.43 1.81 -20.37
C PHE B 406 -15.70 1.67 -21.86
N TRP B 407 -16.00 2.80 -22.49
CA TRP B 407 -16.38 2.82 -23.90
C TRP B 407 -15.83 4.09 -24.54
N SER B 408 -15.92 4.14 -25.87
CA SER B 408 -15.51 5.31 -26.62
C SER B 408 -16.18 5.25 -27.99
N ASP B 409 -16.59 6.42 -28.48
CA ASP B 409 -17.17 6.54 -29.81
C ASP B 409 -16.32 7.52 -30.62
N LEU B 410 -15.86 7.06 -31.78
CA LEU B 410 -15.05 7.86 -32.69
C LEU B 410 -15.82 8.05 -33.99
N GLY B 411 -16.88 8.86 -33.94
CA GLY B 411 -17.76 9.04 -35.06
C GLY B 411 -18.95 8.10 -34.99
N PRO B 412 -19.78 8.12 -36.04
CA PRO B 412 -20.95 7.23 -36.06
C PRO B 412 -20.64 5.80 -36.45
N ASP B 413 -19.45 5.54 -37.01
CA ASP B 413 -19.10 4.22 -37.51
C ASP B 413 -18.06 3.51 -36.65
N VAL B 414 -17.66 4.10 -35.52
CA VAL B 414 -16.64 3.51 -34.66
C VAL B 414 -17.10 3.66 -33.21
N GLY B 415 -17.39 2.55 -32.57
CA GLY B 415 -17.68 2.53 -31.15
C GLY B 415 -17.25 1.21 -30.54
N TYR B 416 -16.54 1.26 -29.42
CA TYR B 416 -16.09 0.04 -28.77
C TYR B 416 -16.29 0.15 -27.26
N GLU B 417 -16.43 -1.02 -26.63
CA GLU B 417 -16.50 -1.15 -25.19
C GLU B 417 -15.34 -2.01 -24.73
N ALA B 418 -14.96 -1.84 -23.46
CA ALA B 418 -13.80 -2.55 -22.94
C ALA B 418 -13.98 -2.73 -21.44
N ILE B 419 -13.22 -3.69 -20.89
CA ILE B 419 -13.34 -4.04 -19.48
C ILE B 419 -12.05 -4.75 -19.07
N GLY B 420 -11.62 -4.49 -17.84
CA GLY B 420 -10.45 -5.15 -17.30
C GLY B 420 -9.16 -4.44 -17.66
N LEU B 421 -8.06 -5.19 -17.68
CA LEU B 421 -6.73 -4.64 -17.94
C LEU B 421 -6.52 -4.58 -19.46
N VAL B 422 -6.79 -3.42 -20.04
CA VAL B 422 -6.64 -3.21 -21.48
C VAL B 422 -5.39 -2.37 -21.68
N ASP B 423 -4.34 -3.00 -22.21
CA ASP B 423 -3.06 -2.34 -22.42
C ASP B 423 -2.40 -2.96 -23.64
N SER B 424 -1.99 -2.11 -24.59
CA SER B 424 -1.35 -2.62 -25.80
C SER B 424 -0.05 -3.35 -25.49
N SER B 425 0.51 -3.15 -24.28
CA SER B 425 1.73 -3.87 -23.92
C SER B 425 1.45 -5.36 -23.69
N LEU B 426 0.26 -5.70 -23.22
CA LEU B 426 -0.10 -7.09 -23.05
C LEU B 426 -0.26 -7.77 -24.41
N PRO B 427 -0.02 -9.08 -24.50
CA PRO B 427 -0.24 -9.79 -25.76
C PRO B 427 -1.73 -9.89 -26.07
N THR B 428 -2.08 -9.65 -27.33
CA THR B 428 -3.47 -9.58 -27.74
C THR B 428 -3.79 -10.70 -28.72
N VAL B 429 -5.07 -11.06 -28.76
CA VAL B 429 -5.60 -12.00 -29.74
C VAL B 429 -6.91 -11.42 -30.28
N GLY B 430 -6.86 -10.87 -31.49
CA GLY B 430 -8.02 -10.22 -32.09
C GLY B 430 -8.71 -11.15 -33.07
N VAL B 431 -10.03 -11.21 -32.96
CA VAL B 431 -10.87 -12.01 -33.84
C VAL B 431 -11.90 -11.08 -34.47
N PHE B 432 -11.82 -10.93 -35.80
CA PHE B 432 -12.65 -9.98 -36.53
C PHE B 432 -13.42 -10.68 -37.63
N ALA B 433 -14.53 -10.06 -38.02
CA ALA B 433 -15.37 -10.58 -39.09
C ALA B 433 -15.38 -9.62 -40.27
N LYS B 486 -16.05 -5.01 -37.13
CA LYS B 486 -16.60 -5.73 -35.99
C LYS B 486 -15.67 -6.86 -35.55
N GLY B 487 -15.41 -6.92 -34.25
CA GLY B 487 -14.56 -7.97 -33.72
C GLY B 487 -14.35 -7.78 -32.23
N VAL B 488 -13.52 -8.66 -31.67
CA VAL B 488 -13.21 -8.66 -30.25
C VAL B 488 -11.72 -8.92 -30.08
N ILE B 489 -11.09 -8.19 -29.16
CA ILE B 489 -9.66 -8.31 -28.89
C ILE B 489 -9.48 -8.77 -27.44
N PHE B 490 -8.80 -9.90 -27.25
CA PHE B 490 -8.52 -10.44 -25.93
C PHE B 490 -7.13 -10.05 -25.47
N TYR B 491 -7.01 -9.64 -24.21
CA TYR B 491 -5.74 -9.32 -23.59
C TYR B 491 -5.42 -10.37 -22.53
N LEU B 492 -4.18 -10.86 -22.53
CA LEU B 492 -3.79 -12.05 -21.79
C LEU B 492 -2.65 -11.75 -20.82
N ARG B 493 -2.61 -12.52 -19.73
CA ARG B 493 -1.52 -12.44 -18.77
C ARG B 493 -1.39 -13.74 -17.98
N VAL B 496 -4.84 -16.62 -19.01
CA VAL B 496 -6.18 -16.19 -18.64
C VAL B 496 -6.48 -14.83 -19.24
N VAL B 497 -7.74 -14.62 -19.63
CA VAL B 497 -8.18 -13.35 -20.19
C VAL B 497 -8.35 -12.33 -19.06
N VAL B 498 -7.59 -11.24 -19.14
CA VAL B 498 -7.68 -10.17 -18.15
C VAL B 498 -8.31 -8.90 -18.71
N GLY B 499 -8.43 -8.77 -20.02
CA GLY B 499 -9.05 -7.60 -20.61
C GLY B 499 -9.65 -7.94 -21.96
N ILE B 500 -10.73 -7.25 -22.30
CA ILE B 500 -11.44 -7.47 -23.56
C ILE B 500 -11.79 -6.11 -24.17
N VAL B 501 -11.70 -6.03 -25.49
CA VAL B 501 -12.14 -4.86 -26.25
C VAL B 501 -13.15 -5.33 -27.29
N LEU B 502 -14.39 -4.86 -27.16
CA LEU B 502 -15.46 -5.19 -28.11
C LEU B 502 -15.54 -4.07 -29.13
N TRP B 503 -15.23 -4.40 -30.39
CA TRP B 503 -15.16 -3.43 -31.48
C TRP B 503 -16.46 -3.49 -32.27
N ASN B 504 -17.29 -2.45 -32.12
CA ASN B 504 -18.59 -2.40 -32.78
C ASN B 504 -19.44 -3.62 -32.43
N ILE B 505 -19.29 -4.13 -31.21
CA ILE B 505 -20.14 -5.19 -30.67
C ILE B 505 -20.74 -4.64 -29.39
N PHE B 506 -22.06 -4.62 -29.31
CA PHE B 506 -22.76 -3.99 -28.21
C PHE B 506 -23.68 -4.99 -27.52
N ASN B 507 -24.12 -4.62 -26.32
CA ASN B 507 -25.03 -5.44 -25.53
C ASN B 507 -24.44 -6.81 -25.22
N ARG B 508 -23.12 -6.89 -25.08
CA ARG B 508 -22.45 -8.15 -24.76
C ARG B 508 -21.42 -7.98 -23.66
N MET B 509 -21.48 -6.88 -22.90
CA MET B 509 -20.52 -6.67 -21.82
C MET B 509 -20.62 -7.72 -20.74
N PRO B 510 -21.80 -8.15 -20.28
CA PRO B 510 -21.85 -9.20 -19.25
C PRO B 510 -21.08 -10.46 -19.64
N ILE B 511 -21.07 -10.81 -20.93
CA ILE B 511 -20.31 -11.97 -21.37
C ILE B 511 -18.82 -11.75 -21.19
N ALA B 512 -18.35 -10.55 -21.54
CA ALA B 512 -16.94 -10.23 -21.32
C ALA B 512 -16.61 -10.21 -19.84
N ARG B 513 -17.49 -9.62 -19.03
CA ARG B 513 -17.26 -9.58 -17.59
C ARG B 513 -17.21 -10.98 -17.00
N LYS B 514 -17.95 -11.92 -17.57
CA LYS B 514 -17.97 -13.28 -17.05
C LYS B 514 -16.70 -14.04 -17.44
N ILE B 515 -16.20 -13.81 -18.65
CA ILE B 515 -14.98 -14.50 -19.09
C ILE B 515 -13.81 -14.12 -18.20
N ILE B 516 -13.69 -12.84 -17.87
CA ILE B 516 -12.57 -12.39 -17.04
C ILE B 516 -12.74 -12.91 -15.61
N LYS B 517 -13.97 -12.87 -15.08
CA LYS B 517 -14.20 -13.35 -13.73
C LYS B 517 -13.80 -14.81 -13.59
N ASP B 518 -14.33 -15.68 -14.45
CA ASP B 518 -14.06 -17.10 -14.32
C ASP B 518 -12.57 -17.40 -14.43
N GLY B 519 -11.82 -16.56 -15.13
CA GLY B 519 -10.38 -16.76 -15.24
C GLY B 519 -9.99 -18.10 -15.84
N GLU B 520 -10.78 -18.61 -16.77
CA GLU B 520 -10.44 -19.87 -17.42
C GLU B 520 -9.23 -19.70 -18.34
N GLN B 521 -8.52 -20.80 -18.56
CA GLN B 521 -7.43 -20.86 -19.52
C GLN B 521 -8.00 -21.45 -20.81
N HIS B 522 -8.42 -20.58 -21.72
CA HIS B 522 -9.14 -21.01 -22.91
C HIS B 522 -8.18 -21.61 -23.92
N GLU B 523 -8.55 -22.77 -24.47
CA GLU B 523 -7.71 -23.43 -25.47
C GLU B 523 -7.82 -22.76 -26.83
N ASP B 524 -9.02 -22.33 -27.22
CA ASP B 524 -9.26 -21.71 -28.52
C ASP B 524 -10.10 -20.45 -28.30
N LEU B 525 -9.49 -19.28 -28.45
CA LEU B 525 -10.21 -18.03 -28.32
C LEU B 525 -11.11 -17.76 -29.53
N ASN B 526 -10.84 -18.41 -30.67
CA ASN B 526 -11.75 -18.28 -31.80
C ASN B 526 -13.13 -18.83 -31.45
N GLU B 527 -13.16 -19.92 -30.68
CA GLU B 527 -14.43 -20.44 -30.19
C GLU B 527 -15.06 -19.47 -29.20
N VAL B 528 -14.24 -18.78 -28.40
CA VAL B 528 -14.77 -17.79 -27.46
C VAL B 528 -15.38 -16.62 -28.21
N ALA B 529 -14.87 -16.31 -29.41
CA ALA B 529 -15.42 -15.20 -30.19
C ALA B 529 -16.86 -15.47 -30.61
N LYS B 530 -17.26 -16.75 -30.67
CA LYS B 530 -18.65 -17.05 -31.00
C LYS B 530 -19.60 -16.54 -29.92
N LEU B 531 -19.12 -16.42 -28.68
CA LEU B 531 -19.93 -15.84 -27.61
C LEU B 531 -20.30 -14.39 -27.92
N PHE B 532 -19.54 -13.72 -28.79
CA PHE B 532 -19.85 -12.37 -29.22
C PHE B 532 -20.42 -12.32 -30.63
N ASN B 533 -20.92 -13.46 -31.12
CA ASN B 533 -21.57 -13.55 -32.43
C ASN B 533 -20.59 -13.26 -33.56
N ILE B 534 -19.38 -13.82 -33.46
CA ILE B 534 -18.36 -13.70 -34.49
C ILE B 534 -18.11 -15.09 -35.05
N HIS B 535 -18.43 -15.29 -36.32
CA HIS B 535 -18.27 -16.58 -36.96
C HIS B 535 -17.54 -16.44 -38.30
C01 1LM C . 18.01 -11.26 18.07
C02 1LM C . 17.17 -11.44 16.95
C03 1LM C . 16.51 -10.38 16.40
C04 1LM C . 16.68 -9.07 16.99
C05 1LM C . 17.49 -8.89 18.07
C06 1LM C . 18.18 -10.02 18.63
C07 1LM C . 17.64 -7.56 18.63
C08 1LM C . 16.94 -6.56 18.02
C09 1LM C . 16.11 -6.83 16.88
N10 1LM C . 15.96 -8.06 16.35
N11 1LM C . 18.46 -7.30 19.74
H1 1LM C . 18.53 -12.12 18.49
H2 1LM C . 17.05 -12.45 16.53
H3 1LM C . 15.87 -10.55 15.55
H4 1LM C . 18.82 -9.90 19.48
H5 1LM C . 16.96 -5.50 18.33
H6 1LM C . 15.54 -6.04 16.37
H7 1LM C . 19.32 -7.77 19.90
H8 1LM C . 18.19 -6.63 20.43
C1 EDO D . -3.06 -0.19 1.80
O1 EDO D . -4.27 0.53 1.56
C2 EDO D . -3.06 -0.71 3.23
O2 EDO D . -4.20 -1.55 3.45
H11 EDO D . -2.20 0.46 1.63
H12 EDO D . -2.99 -1.04 1.10
HO1 EDO D . -4.26 0.88 0.66
H21 EDO D . -3.07 0.13 3.94
H22 EDO D . -2.14 -1.28 3.42
HO2 EDO D . -4.20 -1.87 4.35
PA FAD E . 6.31 -14.17 16.78
O1A FAD E . 7.23 -14.85 15.77
O2A FAD E . 6.90 -13.93 18.11
O5B FAD E . 4.97 -15.01 16.91
C5B FAD E . 4.40 -15.69 15.77
C4B FAD E . 3.80 -16.97 16.29
O4B FAD E . 2.69 -17.29 15.41
C3B FAD E . 4.78 -18.13 16.17
O3B FAD E . 4.44 -19.03 17.22
C2B FAD E . 4.32 -18.82 14.88
O2B FAD E . 4.54 -20.21 15.08
C1B FAD E . 2.82 -18.64 15.02
N9A FAD E . 2.12 -18.79 13.75
C8A FAD E . 2.55 -18.38 12.51
N7A FAD E . 1.70 -18.66 11.54
C5A FAD E . 0.65 -19.29 12.19
C6A FAD E . -0.56 -19.84 11.74
N6A FAD E . -0.94 -19.83 10.46
N1A FAD E . -1.38 -20.40 12.64
C2A FAD E . -1.01 -20.41 13.92
N3A FAD E . 0.10 -19.93 14.48
C4A FAD E . 0.90 -19.38 13.55
N1 FAD E . 13.86 -7.74 19.36
C2 FAD E . 14.31 -6.71 20.06
O2 FAD E . 13.88 -5.59 19.90
N3 FAD E . 15.32 -6.84 21.04
C4 FAD E . 15.89 -8.07 21.31
O4 FAD E . 16.75 -8.15 22.15
C4X FAD E . 15.40 -9.20 20.54
N5 FAD E . 15.93 -10.38 20.76
C5X FAD E . 15.43 -11.43 20.01
C6 FAD E . 15.99 -12.78 20.25
C7 FAD E . 15.55 -13.87 19.54
C7M FAD E . 16.16 -15.23 19.81
C8 FAD E . 14.52 -13.73 18.54
C8M FAD E . 14.02 -14.92 17.75
C9 FAD E . 13.96 -12.48 18.28
C9A FAD E . 14.42 -11.28 19.04
N10 FAD E . 13.90 -9.96 18.85
C10 FAD E . 14.36 -8.94 19.57
C1' FAD E . 12.84 -9.77 17.84
C2' FAD E . 11.44 -9.97 18.49
O2' FAD E . 11.49 -11.19 19.22
C3' FAD E . 10.40 -10.11 17.39
O3' FAD E . 10.15 -8.80 16.84
C4' FAD E . 9.08 -10.62 18.00
O4' FAD E . 9.22 -11.96 18.49
C5' FAD E . 8.01 -10.53 16.94
O5' FAD E . 6.62 -10.93 17.54
P FAD E . 5.49 -11.34 16.62
O1P FAD E . 4.26 -11.43 17.53
O2P FAD E . 5.31 -10.44 15.48
O3P FAD E . 5.80 -12.82 16.13
H51A FAD E . 5.05 -15.84 15.06
H52A FAD E . 3.78 -15.15 15.27
H4B FAD E . 3.46 -16.88 17.20
H3B FAD E . 5.70 -17.83 16.13
HO3A FAD E . 5.05 -19.09 17.80
H2B FAD E . 4.70 -18.44 14.08
HO2A FAD E . 4.80 -20.60 14.37
H1B FAD E . 2.44 -19.25 15.67
H8A FAD E . 3.35 -17.95 12.36
H61A FAD E . -1.74 -19.97 10.08
H62A FAD E . -0.29 -19.66 9.88
H2A FAD E . -1.61 -20.81 14.52
HN3 FAD E . 15.60 -6.15 21.49
H6 FAD E . 16.66 -12.92 20.88
HM71 FAD E . 15.70 -16.04 19.53
HM72 FAD E . 16.34 -15.51 20.73
HM73 FAD E . 17.03 -15.45 19.46
HM81 FAD E . 14.52 -15.75 17.71
HM82 FAD E . 13.16 -15.33 17.93
HM83 FAD E . 13.88 -14.86 16.78
H9 FAD E . 13.29 -12.40 17.64
H1'1 FAD E . 12.91 -8.91 17.40
H1'2 FAD E . 12.96 -10.34 17.07
H2' FAD E . 11.22 -9.22 19.06
HO2' FAD E . 11.15 -11.05 19.98
H3' FAD E . 10.71 -10.72 16.71
HO3' FAD E . 10.05 -8.89 16.01
H4' FAD E . 8.84 -10.07 18.77
HO4' FAD E . 8.73 -12.09 19.17
H5'1 FAD E . 8.23 -11.05 16.16
H5'2 FAD E . 7.98 -9.65 16.52
S SO4 F . 19.34 -10.20 12.39
O1 SO4 F . 18.83 -10.33 11.03
O2 SO4 F . 20.31 -11.26 12.66
O3 SO4 F . 18.25 -10.29 13.34
O4 SO4 F . 19.99 -8.89 12.53
S SO4 G . 10.57 3.69 26.24
O1 SO4 G . 9.73 3.20 25.15
O2 SO4 G . 11.84 2.96 26.25
O3 SO4 G . 10.83 5.11 26.05
O4 SO4 G . 9.88 3.48 27.52
C01 1LM H . -12.07 11.30 -22.27
C02 1LM H . -11.31 11.20 -21.09
C03 1LM H . -11.14 10.00 -20.46
C04 1LM H . -11.79 8.83 -21.04
C05 1LM H . -12.52 8.92 -22.17
C06 1LM H . -12.68 10.19 -22.82
C07 1LM H . -13.15 7.72 -22.71
C08 1LM H . -12.93 6.56 -22.02
C09 1LM H . -12.14 6.55 -20.84
N10 1LM H . -11.56 7.64 -20.32
N11 1LM H . -13.92 7.75 -23.88
H1 1LM H . -12.19 12.27 -22.75
H2 1LM H . -10.84 12.10 -20.68
H3 1LM H . -10.56 9.95 -19.57
H4 1LM H . -13.25 10.28 -23.71
H5 1LM H . -13.34 5.57 -22.32
H6 1LM H . -11.95 5.63 -20.27
H7 1LM H . -14.11 6.93 -24.42
H8 1LM H . -14.31 8.59 -24.22
PA FAD I . -14.62 14.00 -11.24
O1A FAD I . -13.34 14.65 -11.77
O2A FAD I . -15.67 13.77 -12.23
O5B FAD I . -15.14 14.88 -10.04
C5B FAD I . -14.25 15.39 -9.03
C4B FAD I . -14.80 16.72 -8.59
O4B FAD I . -14.17 17.04 -7.32
C3B FAD I . -14.36 17.83 -9.55
O3B FAD I . -15.44 18.75 -9.60
C2B FAD I . -13.24 18.53 -8.79
O2B FAD I . -13.38 19.92 -9.07
C1B FAD I . -13.76 18.38 -7.37
N9A FAD I . -12.70 18.54 -6.37
C8A FAD I . -11.39 18.15 -6.47
N7A FAD I . -10.67 18.43 -5.41
C5A FAD I . -11.57 19.05 -4.56
C6A FAD I . -11.44 19.59 -3.26
N6A FAD I . -10.30 19.59 -2.56
N1A FAD I . -12.54 20.13 -2.69
C2A FAD I . -13.69 20.13 -3.38
N3A FAD I . -13.93 19.65 -4.60
C4A FAD I . -12.83 19.12 -5.13
N1 FAD I . -15.03 7.71 -19.24
C2 FAD I . -15.56 6.68 -19.89
O2 FAD I . -15.58 5.57 -19.41
N3 FAD I . -16.19 6.83 -21.16
C4 FAD I . -16.24 8.05 -21.79
O4 FAD I . -16.77 8.15 -22.87
C4X FAD I . -15.63 9.17 -21.08
N5 FAD I . -15.66 10.36 -21.66
C5X FAD I . -15.10 11.39 -20.96
C6 FAD I . -15.11 12.75 -21.57
C7 FAD I . -14.55 13.83 -20.93
C7M FAD I . -14.59 15.18 -21.60
C8 FAD I . -13.92 13.68 -19.64
C8M FAD I . -13.31 14.87 -18.93
C9 FAD I . -13.88 12.43 -19.02
C9A FAD I . -14.48 11.24 -19.69
N10 FAD I . -14.49 9.92 -19.13
C10 FAD I . -15.04 8.91 -19.80
C1' FAD I . -13.87 9.72 -17.81
C2' FAD I . -14.90 9.91 -16.67
O2' FAD I . -15.56 11.16 -16.88
C3' FAD I . -14.13 9.96 -15.35
O3' FAD I . -13.72 8.63 -15.03
C4' FAD I . -15.06 10.46 -14.23
O4' FAD I . -15.42 11.83 -14.44
C5' FAD I . -14.36 10.29 -12.90
O5' FAD I . -15.31 10.77 -11.75
P FAD I . -14.75 11.17 -10.40
O1P FAD I . -15.97 11.23 -9.49
O2P FAD I . -13.70 10.26 -9.92
O3P FAD I . -14.19 12.65 -10.50
H51A FAD I . -14.13 14.77 -8.30
H52A FAD I . -13.33 15.43 -9.33
H4B FAD I . -15.77 16.73 -8.46
H3B FAD I . -14.06 17.47 -10.40
HO3A FAD I . -15.22 19.53 -9.37
H2B FAD I . -12.36 18.14 -8.94
HO2A FAD I . -12.63 20.31 -9.11
H1B FAD I . -14.48 18.99 -7.17
H8A FAD I . -11.04 17.73 -7.21
H61A FAD I . -9.58 19.08 -2.62
H62A FAD I . -10.25 20.23 -1.94
H2A FAD I . -14.41 20.52 -2.95
HN3 FAD I . -16.53 6.15 -21.56
H6 FAD I . -15.50 12.89 -22.41
HM71 FAD I . -15.07 15.30 -22.44
HM72 FAD I . -13.77 15.63 -21.87
HM73 FAD I . -14.99 15.94 -21.14
HM81 FAD I . -13.38 15.76 -19.29
HM82 FAD I . -13.58 15.12 -18.04
HM83 FAD I . -12.37 14.91 -18.76
H9 FAD I . -13.48 12.34 -18.18
H1'1 FAD I . -13.08 10.29 -17.68
H1'2 FAD I . -13.43 8.85 -17.75
H2' FAD I . -15.54 9.19 -16.65
HO2' FAD I . -16.38 11.04 -16.71
H3' FAD I . -13.37 10.56 -15.41
H4' FAD I . -15.89 9.95 -14.24
HO4' FAD I . -15.09 12.33 -13.84
H5'1 FAD I . -13.50 10.73 -12.88
H5'2 FAD I . -14.07 9.38 -12.77
S SO4 J . -6.45 9.87 -22.64
O1 SO4 J . -6.57 8.49 -23.13
O2 SO4 J . -7.77 10.38 -22.29
O3 SO4 J . -5.87 10.71 -23.69
O4 SO4 J . -5.59 9.89 -21.46
#